data_2PO8
#
_entry.id   2PO8
#
_cell.length_a   1.000
_cell.length_b   1.000
_cell.length_c   1.000
_cell.angle_alpha   90.00
_cell.angle_beta   90.00
_cell.angle_gamma   90.00
#
_symmetry.space_group_name_H-M   'P 1'
#
_entity_poly.entity_id   1
_entity_poly.type   'polypeptide(L)'
_entity_poly.pdbx_seq_one_letter_code
;CPKILKKCRRDSDCPGACICRGNGYCGSGSDGGV
;
_entity_poly.pdbx_strand_id   A
#
# COMPACT_ATOMS: atom_id res chain seq x y z
N CYS A 1 8.55 1.58 8.87
CA CYS A 1 7.45 0.65 8.71
C CYS A 1 6.12 1.39 8.47
N PRO A 2 5.40 1.03 7.40
CA PRO A 2 4.12 1.66 7.05
C PRO A 2 3.09 1.52 8.16
N LYS A 3 2.34 2.59 8.41
CA LYS A 3 1.34 2.58 9.45
C LYS A 3 -0.05 2.31 8.86
N ILE A 4 -0.29 2.86 7.68
CA ILE A 4 -1.56 2.67 7.00
C ILE A 4 -1.44 1.57 5.95
N LEU A 5 -2.36 0.61 5.99
CA LEU A 5 -2.35 -0.51 5.06
C LEU A 5 -3.72 -1.20 5.07
N LYS A 6 -4.14 -1.68 3.91
CA LYS A 6 -5.42 -2.36 3.79
C LYS A 6 -5.34 -3.40 2.68
N LYS A 7 -6.34 -4.27 2.65
CA LYS A 7 -6.41 -5.32 1.63
C LYS A 7 -6.44 -4.73 0.22
N CYS A 8 -5.65 -5.31 -0.67
CA CYS A 8 -5.60 -4.89 -2.05
C CYS A 8 -5.25 -6.06 -2.95
N ARG A 9 -5.83 -6.10 -4.14
CA ARG A 9 -5.57 -7.19 -5.07
C ARG A 9 -4.97 -6.63 -6.36
N ARG A 10 -4.53 -5.37 -6.28
CA ARG A 10 -3.92 -4.67 -7.40
C ARG A 10 -3.60 -3.23 -7.00
N ASP A 11 -2.99 -2.50 -7.92
CA ASP A 11 -2.61 -1.11 -7.69
C ASP A 11 -3.83 -0.22 -7.45
N SER A 12 -4.83 -0.37 -8.30
CA SER A 12 -6.07 0.41 -8.24
C SER A 12 -6.73 0.37 -6.86
N ASP A 13 -6.48 -0.69 -6.10
CA ASP A 13 -7.07 -0.86 -4.79
C ASP A 13 -6.52 0.14 -3.77
N CYS A 14 -5.47 0.86 -4.14
CA CYS A 14 -4.88 1.80 -3.21
C CYS A 14 -4.48 3.08 -3.93
N PRO A 15 -4.66 4.24 -3.28
CA PRO A 15 -4.32 5.55 -3.86
C PRO A 15 -2.82 5.69 -4.11
N GLY A 16 -2.46 6.66 -4.94
CA GLY A 16 -1.07 6.90 -5.29
C GLY A 16 -0.18 7.33 -4.11
N ALA A 17 -0.73 7.27 -2.90
CA ALA A 17 0.02 7.62 -1.71
C ALA A 17 0.93 6.47 -1.32
N CYS A 18 0.57 5.28 -1.79
CA CYS A 18 1.32 4.06 -1.53
C CYS A 18 1.09 3.10 -2.68
N ILE A 19 1.65 1.91 -2.58
CA ILE A 19 1.47 0.90 -3.62
C ILE A 19 1.14 -0.45 -3.02
N CYS A 20 0.30 -1.20 -3.71
CA CYS A 20 -0.11 -2.52 -3.24
C CYS A 20 1.05 -3.50 -3.33
N ARG A 21 1.48 -4.01 -2.18
CA ARG A 21 2.59 -4.95 -2.16
C ARG A 21 2.11 -6.38 -2.45
N GLY A 22 3.06 -7.29 -2.53
CA GLY A 22 2.75 -8.69 -2.82
C GLY A 22 1.95 -9.39 -1.75
N ASN A 23 1.99 -8.87 -0.53
CA ASN A 23 1.26 -9.47 0.58
C ASN A 23 -0.23 -9.12 0.54
N GLY A 24 -0.65 -8.39 -0.49
CA GLY A 24 -2.05 -8.02 -0.64
C GLY A 24 -2.46 -6.87 0.26
N TYR A 25 -1.51 -6.00 0.59
CA TYR A 25 -1.80 -4.84 1.42
C TYR A 25 -1.07 -3.62 0.86
N CYS A 26 -1.55 -2.45 1.24
CA CYS A 26 -0.95 -1.20 0.80
C CYS A 26 0.41 -1.01 1.48
N GLY A 27 1.39 -0.60 0.71
CA GLY A 27 2.71 -0.38 1.25
C GLY A 27 3.21 1.00 0.90
N SER A 28 3.63 1.75 1.91
CA SER A 28 4.13 3.10 1.73
C SER A 28 5.43 3.08 0.93
N GLY A 29 5.65 4.13 0.13
CA GLY A 29 6.85 4.23 -0.68
C GLY A 29 8.12 4.21 0.15
N SER A 30 8.07 4.84 1.31
CA SER A 30 9.23 4.92 2.19
C SER A 30 9.23 3.77 3.21
N ASP A 31 8.79 2.58 2.80
CA ASP A 31 8.77 1.43 3.69
C ASP A 31 10.19 0.97 3.99
N GLY A 32 11.07 1.16 3.01
CA GLY A 32 12.48 0.79 3.16
C GLY A 32 13.22 1.79 4.03
N GLY A 33 12.65 2.07 5.19
CA GLY A 33 13.23 3.02 6.12
C GLY A 33 12.36 3.12 7.35
N VAL A 34 11.06 3.24 7.14
CA VAL A 34 10.10 3.33 8.23
C VAL A 34 8.90 2.42 7.92
N CYS A 1 4.12 3.15 5.95
CA CYS A 1 4.01 4.30 6.84
C CYS A 1 2.65 4.29 7.54
N PRO A 2 2.64 4.59 8.84
CA PRO A 2 1.40 4.62 9.64
C PRO A 2 0.47 5.76 9.23
N LYS A 3 -0.07 5.65 8.03
CA LYS A 3 -0.96 6.67 7.48
C LYS A 3 -2.13 6.03 6.75
N ILE A 4 -1.83 5.02 5.94
CA ILE A 4 -2.86 4.34 5.18
C ILE A 4 -2.47 2.89 4.93
N LEU A 5 -3.42 1.99 5.14
CA LEU A 5 -3.20 0.56 4.95
C LEU A 5 -4.53 -0.14 4.72
N LYS A 6 -4.65 -0.82 3.58
CA LYS A 6 -5.86 -1.55 3.21
C LYS A 6 -5.50 -2.74 2.33
N LYS A 7 -6.34 -3.77 2.36
CA LYS A 7 -6.10 -4.97 1.55
C LYS A 7 -6.35 -4.66 0.08
N CYS A 8 -5.55 -5.24 -0.79
CA CYS A 8 -5.67 -5.01 -2.22
C CYS A 8 -5.20 -6.20 -3.04
N ARG A 9 -5.76 -6.35 -4.24
CA ARG A 9 -5.36 -7.44 -5.14
C ARG A 9 -4.78 -6.83 -6.41
N ARG A 10 -4.54 -5.54 -6.32
CA ARG A 10 -3.98 -4.75 -7.41
C ARG A 10 -3.57 -3.39 -6.87
N ASP A 11 -3.01 -2.57 -7.73
CA ASP A 11 -2.57 -1.23 -7.34
C ASP A 11 -3.76 -0.28 -7.16
N SER A 12 -4.71 -0.36 -8.08
CA SER A 12 -5.90 0.49 -8.10
C SER A 12 -6.71 0.46 -6.80
N ASP A 13 -6.60 -0.61 -6.03
CA ASP A 13 -7.36 -0.72 -4.78
C ASP A 13 -6.84 0.25 -3.72
N CYS A 14 -5.65 0.78 -3.95
CA CYS A 14 -5.04 1.70 -3.01
C CYS A 14 -4.70 3.02 -3.69
N PRO A 15 -4.88 4.15 -2.98
CA PRO A 15 -4.60 5.48 -3.53
C PRO A 15 -3.12 5.64 -3.88
N GLY A 16 -2.81 6.68 -4.67
CA GLY A 16 -1.44 6.94 -5.09
C GLY A 16 -0.50 7.36 -3.96
N ALA A 17 -0.87 7.04 -2.73
CA ALA A 17 -0.06 7.37 -1.58
C ALA A 17 0.99 6.28 -1.34
N CYS A 18 0.65 5.06 -1.77
CA CYS A 18 1.52 3.91 -1.63
C CYS A 18 1.23 2.91 -2.75
N ILE A 19 1.92 1.78 -2.71
CA ILE A 19 1.72 0.74 -3.72
C ILE A 19 1.34 -0.57 -3.07
N CYS A 20 0.52 -1.35 -3.75
CA CYS A 20 0.07 -2.63 -3.23
C CYS A 20 1.22 -3.65 -3.30
N ARG A 21 1.60 -4.18 -2.15
CA ARG A 21 2.68 -5.15 -2.08
C ARG A 21 2.17 -6.56 -2.42
N GLY A 22 3.11 -7.50 -2.51
CA GLY A 22 2.77 -8.88 -2.83
C GLY A 22 1.88 -9.53 -1.78
N ASN A 23 1.93 -9.01 -0.57
CA ASN A 23 1.12 -9.55 0.53
C ASN A 23 -0.35 -9.16 0.38
N GLY A 24 -0.62 -8.26 -0.55
CA GLY A 24 -1.99 -7.83 -0.78
C GLY A 24 -2.40 -6.68 0.13
N TYR A 25 -1.45 -5.79 0.42
CA TYR A 25 -1.70 -4.63 1.26
C TYR A 25 -0.87 -3.46 0.79
N CYS A 26 -1.34 -2.26 1.12
CA CYS A 26 -0.67 -1.03 0.74
C CYS A 26 0.70 -0.92 1.41
N GLY A 27 1.70 -0.51 0.64
CA GLY A 27 3.04 -0.35 1.16
C GLY A 27 3.67 0.92 0.63
N SER A 28 4.17 1.75 1.52
CA SER A 28 4.78 3.02 1.14
C SER A 28 6.08 2.82 0.36
N GLY A 29 6.15 3.44 -0.82
CA GLY A 29 7.33 3.32 -1.66
C GLY A 29 8.52 4.03 -1.05
N SER A 30 8.33 5.29 -0.71
CA SER A 30 9.38 6.11 -0.11
C SER A 30 9.51 5.81 1.38
N ASP A 31 9.63 4.52 1.68
CA ASP A 31 9.75 4.05 3.06
C ASP A 31 10.32 2.64 3.07
N GLY A 32 9.75 1.79 2.24
CA GLY A 32 10.18 0.42 2.16
C GLY A 32 9.17 -0.51 2.79
N GLY A 33 8.67 -0.10 3.95
CA GLY A 33 7.66 -0.87 4.63
C GLY A 33 6.29 -0.26 4.41
N VAL A 34 5.66 0.18 5.49
CA VAL A 34 4.35 0.81 5.41
C VAL A 34 4.26 1.93 6.44
N CYS A 1 7.22 0.90 7.54
CA CYS A 1 5.98 0.32 7.05
C CYS A 1 4.77 1.06 7.61
N PRO A 2 3.91 1.59 6.73
CA PRO A 2 2.71 2.32 7.12
C PRO A 2 1.63 1.41 7.68
N LYS A 3 1.05 1.81 8.81
CA LYS A 3 -0.01 1.03 9.44
C LYS A 3 -1.34 1.25 8.71
N ILE A 4 -1.34 0.97 7.42
CA ILE A 4 -2.55 1.15 6.61
C ILE A 4 -3.36 -0.13 6.62
N LEU A 5 -4.55 -0.06 7.22
CA LEU A 5 -5.43 -1.20 7.31
C LEU A 5 -6.21 -1.41 6.02
N LYS A 6 -5.49 -1.69 4.94
CA LYS A 6 -6.13 -1.91 3.65
C LYS A 6 -5.50 -3.04 2.88
N LYS A 7 -6.32 -4.04 2.61
CA LYS A 7 -5.91 -5.17 1.80
C LYS A 7 -6.16 -4.78 0.36
N CYS A 8 -5.37 -5.29 -0.57
CA CYS A 8 -5.53 -4.92 -1.96
C CYS A 8 -5.29 -6.09 -2.90
N ARG A 9 -6.08 -6.15 -3.97
CA ARG A 9 -5.94 -7.21 -4.95
C ARG A 9 -5.35 -6.64 -6.25
N ARG A 10 -4.81 -5.43 -6.16
CA ARG A 10 -4.20 -4.76 -7.30
C ARG A 10 -3.65 -3.40 -6.89
N ASP A 11 -2.98 -2.76 -7.82
CA ASP A 11 -2.38 -1.45 -7.61
C ASP A 11 -3.44 -0.39 -7.34
N SER A 12 -4.42 -0.30 -8.22
CA SER A 12 -5.50 0.67 -8.15
C SER A 12 -6.35 0.52 -6.89
N ASP A 13 -6.18 -0.60 -6.20
CA ASP A 13 -6.92 -0.86 -4.96
C ASP A 13 -6.53 0.16 -3.89
N CYS A 14 -5.33 0.69 -4.03
CA CYS A 14 -4.83 1.66 -3.08
C CYS A 14 -4.47 2.96 -3.80
N PRO A 15 -4.69 4.12 -3.17
CA PRO A 15 -4.39 5.42 -3.77
C PRO A 15 -2.91 5.59 -4.08
N GLY A 16 -2.61 6.54 -4.97
CA GLY A 16 -1.24 6.82 -5.38
C GLY A 16 -0.30 7.18 -4.24
N ALA A 17 -0.86 7.40 -3.05
CA ALA A 17 -0.07 7.74 -1.87
C ALA A 17 0.84 6.57 -1.48
N CYS A 18 0.48 5.38 -1.92
CA CYS A 18 1.24 4.17 -1.65
C CYS A 18 1.07 3.17 -2.78
N ILE A 19 1.64 2.00 -2.61
CA ILE A 19 1.55 0.94 -3.60
C ILE A 19 1.14 -0.37 -2.94
N CYS A 20 0.48 -1.23 -3.69
CA CYS A 20 0.04 -2.51 -3.17
C CYS A 20 1.19 -3.50 -3.17
N ARG A 21 1.47 -4.10 -2.02
CA ARG A 21 2.55 -5.08 -1.90
C ARG A 21 2.12 -6.41 -2.49
N GLY A 22 3.09 -7.31 -2.65
CA GLY A 22 2.81 -8.62 -3.18
C GLY A 22 1.93 -9.44 -2.23
N ASN A 23 1.97 -9.08 -0.96
CA ASN A 23 1.19 -9.78 0.06
C ASN A 23 -0.27 -9.31 0.06
N GLY A 24 -0.59 -8.35 -0.80
CA GLY A 24 -1.94 -7.84 -0.90
C GLY A 24 -2.31 -6.81 0.15
N TYR A 25 -1.39 -5.90 0.43
CA TYR A 25 -1.65 -4.82 1.39
C TYR A 25 -0.94 -3.55 0.97
N CYS A 26 -1.52 -2.43 1.33
CA CYS A 26 -0.96 -1.12 1.00
C CYS A 26 0.37 -0.85 1.71
N GLY A 27 1.34 -0.35 0.95
CA GLY A 27 2.63 -0.03 1.50
C GLY A 27 3.24 1.18 0.81
N SER A 28 3.84 2.06 1.58
CA SER A 28 4.45 3.27 1.03
C SER A 28 5.73 2.95 0.26
N GLY A 29 6.20 3.90 -0.54
CA GLY A 29 7.41 3.69 -1.31
C GLY A 29 8.58 3.28 -0.45
N SER A 30 8.75 3.94 0.69
CA SER A 30 9.82 3.63 1.61
C SER A 30 9.33 2.63 2.67
N ASP A 31 8.56 1.65 2.22
CA ASP A 31 8.00 0.62 3.10
C ASP A 31 9.10 -0.13 3.84
N GLY A 32 10.18 -0.42 3.12
CA GLY A 32 11.30 -1.13 3.71
C GLY A 32 11.88 -0.39 4.90
N GLY A 33 11.90 0.94 4.82
CA GLY A 33 12.42 1.74 5.90
C GLY A 33 11.40 1.91 7.01
N VAL A 34 10.17 2.25 6.63
CA VAL A 34 9.08 2.44 7.57
C VAL A 34 7.79 1.94 6.95
N CYS A 1 6.66 4.98 7.74
CA CYS A 1 5.99 3.75 8.11
C CYS A 1 4.65 3.62 7.39
N PRO A 2 4.33 2.40 6.91
CA PRO A 2 3.07 2.12 6.21
C PRO A 2 1.85 2.23 7.11
N LYS A 3 1.41 3.47 7.35
CA LYS A 3 0.25 3.73 8.21
C LYS A 3 -1.00 3.07 7.65
N ILE A 4 -1.06 2.97 6.32
CA ILE A 4 -2.19 2.34 5.66
C ILE A 4 -1.95 0.84 5.48
N LEU A 5 -2.98 0.05 5.71
CA LEU A 5 -2.87 -1.39 5.60
C LEU A 5 -4.16 -1.97 5.04
N LYS A 6 -4.58 -1.45 3.90
CA LYS A 6 -5.79 -1.92 3.24
C LYS A 6 -5.46 -3.07 2.30
N LYS A 7 -6.28 -4.11 2.29
CA LYS A 7 -6.05 -5.25 1.42
C LYS A 7 -6.18 -4.84 -0.04
N CYS A 8 -5.38 -5.42 -0.91
CA CYS A 8 -5.42 -5.06 -2.33
C CYS A 8 -5.01 -6.23 -3.22
N ARG A 9 -5.67 -6.31 -4.36
CA ARG A 9 -5.37 -7.34 -5.36
C ARG A 9 -4.74 -6.64 -6.56
N ARG A 10 -4.64 -5.32 -6.42
CA ARG A 10 -4.08 -4.45 -7.43
C ARG A 10 -3.83 -3.08 -6.82
N ASP A 11 -2.89 -2.35 -7.38
CA ASP A 11 -2.52 -1.02 -6.88
C ASP A 11 -3.72 -0.07 -6.84
N SER A 12 -4.63 -0.22 -7.78
CA SER A 12 -5.82 0.63 -7.87
C SER A 12 -6.64 0.63 -6.58
N ASP A 13 -6.55 -0.44 -5.80
CA ASP A 13 -7.29 -0.56 -4.55
C ASP A 13 -6.77 0.41 -3.48
N CYS A 14 -5.59 0.96 -3.74
CA CYS A 14 -4.96 1.87 -2.80
C CYS A 14 -4.63 3.19 -3.50
N PRO A 15 -4.62 4.32 -2.76
CA PRO A 15 -4.33 5.64 -3.33
C PRO A 15 -2.94 5.72 -3.97
N GLY A 16 -2.79 6.68 -4.87
CA GLY A 16 -1.54 6.89 -5.59
C GLY A 16 -0.34 7.12 -4.69
N ALA A 17 -0.58 7.60 -3.47
CA ALA A 17 0.50 7.86 -2.53
C ALA A 17 0.95 6.57 -1.84
N CYS A 18 0.60 5.43 -2.43
CA CYS A 18 0.96 4.12 -1.90
C CYS A 18 1.00 3.11 -3.04
N ILE A 19 1.43 1.91 -2.72
CA ILE A 19 1.51 0.82 -3.70
C ILE A 19 1.06 -0.49 -3.06
N CYS A 20 0.59 -1.42 -3.86
CA CYS A 20 0.13 -2.70 -3.35
C CYS A 20 1.31 -3.64 -3.12
N ARG A 21 1.41 -4.21 -1.92
CA ARG A 21 2.49 -5.12 -1.59
C ARG A 21 2.21 -6.52 -2.15
N GLY A 22 3.22 -7.37 -2.09
CA GLY A 22 3.09 -8.73 -2.57
C GLY A 22 2.13 -9.56 -1.73
N ASN A 23 1.98 -9.18 -0.46
CA ASN A 23 1.10 -9.89 0.45
C ASN A 23 -0.36 -9.47 0.27
N GLY A 24 -0.60 -8.53 -0.65
CA GLY A 24 -1.94 -8.07 -0.92
C GLY A 24 -2.41 -7.02 0.07
N TYR A 25 -1.52 -6.11 0.45
CA TYR A 25 -1.86 -5.04 1.37
C TYR A 25 -1.17 -3.76 0.94
N CYS A 26 -1.72 -2.63 1.37
CA CYS A 26 -1.18 -1.33 1.03
C CYS A 26 0.21 -1.09 1.60
N GLY A 27 1.05 -0.46 0.80
CA GLY A 27 2.39 -0.13 1.22
C GLY A 27 2.65 1.35 0.99
N SER A 28 3.26 2.00 1.96
CA SER A 28 3.55 3.42 1.88
C SER A 28 4.40 3.74 0.65
N GLY A 29 4.01 4.78 -0.08
CA GLY A 29 4.75 5.18 -1.27
C GLY A 29 6.17 5.58 -0.93
N SER A 30 6.32 6.21 0.23
CA SER A 30 7.63 6.62 0.71
C SER A 30 8.28 5.45 1.44
N ASP A 31 8.44 4.36 0.70
CA ASP A 31 9.02 3.11 1.20
C ASP A 31 10.51 3.26 1.50
N GLY A 32 10.85 4.21 2.34
CA GLY A 32 12.22 4.45 2.69
C GLY A 32 12.34 5.29 3.95
N GLY A 33 11.44 5.05 4.89
CA GLY A 33 11.45 5.79 6.13
C GLY A 33 10.07 5.95 6.72
N VAL A 34 9.13 6.38 5.89
CA VAL A 34 7.75 6.57 6.32
C VAL A 34 7.06 5.24 6.51
N CYS A 1 2.69 5.24 8.12
CA CYS A 1 1.71 4.46 7.37
C CYS A 1 0.30 4.73 7.91
N PRO A 2 -0.68 4.88 7.00
CA PRO A 2 -2.07 5.16 7.38
C PRO A 2 -2.61 4.20 8.42
N LYS A 3 -3.10 4.76 9.53
CA LYS A 3 -3.66 3.98 10.62
C LYS A 3 -5.07 3.49 10.30
N ILE A 4 -5.18 2.77 9.20
CA ILE A 4 -6.45 2.23 8.76
C ILE A 4 -6.23 0.93 8.00
N LEU A 5 -7.19 0.02 8.10
CA LEU A 5 -7.09 -1.27 7.42
C LEU A 5 -6.98 -1.05 5.91
N LYS A 6 -6.00 -1.70 5.30
CA LYS A 6 -5.78 -1.57 3.88
C LYS A 6 -5.42 -2.92 3.26
N LYS A 7 -6.11 -3.24 2.18
CA LYS A 7 -5.90 -4.50 1.47
C LYS A 7 -6.14 -4.27 -0.02
N CYS A 8 -5.49 -5.04 -0.86
CA CYS A 8 -5.63 -4.87 -2.30
C CYS A 8 -5.38 -6.17 -3.05
N ARG A 9 -6.10 -6.35 -4.16
CA ARG A 9 -5.93 -7.52 -5.01
C ARG A 9 -5.29 -7.05 -6.30
N ARG A 10 -4.83 -5.81 -6.25
CA ARG A 10 -4.17 -5.12 -7.34
C ARG A 10 -3.79 -3.73 -6.89
N ASP A 11 -2.86 -3.11 -7.60
CA ASP A 11 -2.39 -1.77 -7.25
C ASP A 11 -3.53 -0.76 -7.28
N SER A 12 -4.53 -1.05 -8.10
CA SER A 12 -5.70 -0.19 -8.26
C SER A 12 -6.45 0.05 -6.94
N ASP A 13 -6.35 -0.90 -6.01
CA ASP A 13 -7.04 -0.76 -4.72
C ASP A 13 -6.20 0.04 -3.74
N CYS A 14 -5.20 0.74 -4.25
CA CYS A 14 -4.33 1.51 -3.38
C CYS A 14 -4.25 2.96 -3.84
N PRO A 15 -4.20 3.91 -2.88
CA PRO A 15 -4.11 5.34 -3.16
C PRO A 15 -2.75 5.73 -3.73
N GLY A 16 -2.70 6.83 -4.46
CA GLY A 16 -1.46 7.29 -5.07
C GLY A 16 -0.31 7.46 -4.09
N ALA A 17 -0.64 7.77 -2.83
CA ALA A 17 0.38 7.96 -1.81
C ALA A 17 0.92 6.63 -1.28
N CYS A 18 0.54 5.54 -1.92
CA CYS A 18 0.99 4.21 -1.52
C CYS A 18 1.00 3.28 -2.73
N ILE A 19 1.39 2.04 -2.50
CA ILE A 19 1.42 1.03 -3.57
C ILE A 19 1.02 -0.32 -3.01
N CYS A 20 0.40 -1.13 -3.83
CA CYS A 20 -0.04 -2.46 -3.41
C CYS A 20 1.15 -3.42 -3.41
N ARG A 21 1.43 -3.99 -2.24
CA ARG A 21 2.53 -4.93 -2.11
C ARG A 21 2.11 -6.32 -2.57
N GLY A 22 3.10 -7.20 -2.70
CA GLY A 22 2.84 -8.57 -3.14
C GLY A 22 1.94 -9.36 -2.20
N ASN A 23 1.94 -8.98 -0.92
CA ASN A 23 1.12 -9.69 0.07
C ASN A 23 -0.33 -9.20 0.05
N GLY A 24 -0.67 -8.36 -0.92
CA GLY A 24 -2.03 -7.86 -1.05
C GLY A 24 -2.39 -6.78 -0.05
N TYR A 25 -1.42 -5.98 0.36
CA TYR A 25 -1.67 -4.89 1.29
C TYR A 25 -0.98 -3.63 0.81
N CYS A 26 -1.52 -2.50 1.22
CA CYS A 26 -0.97 -1.19 0.83
C CYS A 26 0.24 -0.81 1.64
N GLY A 27 1.25 -0.31 0.95
CA GLY A 27 2.47 0.15 1.57
C GLY A 27 2.74 1.59 1.21
N SER A 28 3.19 2.37 2.20
CA SER A 28 3.47 3.80 2.01
C SER A 28 4.70 4.05 1.13
N GLY A 29 4.64 3.62 -0.13
CA GLY A 29 5.75 3.82 -1.04
C GLY A 29 5.94 5.27 -1.37
N SER A 30 4.86 5.93 -1.75
CA SER A 30 4.90 7.35 -2.08
C SER A 30 4.73 8.18 -0.80
N ASP A 31 5.49 7.81 0.22
CA ASP A 31 5.44 8.49 1.51
C ASP A 31 6.71 8.20 2.31
N GLY A 32 6.89 6.92 2.63
CA GLY A 32 8.06 6.50 3.38
C GLY A 32 8.10 7.08 4.78
N GLY A 33 6.93 7.24 5.38
CA GLY A 33 6.85 7.79 6.72
C GLY A 33 5.84 7.06 7.57
N VAL A 34 4.85 7.80 8.05
CA VAL A 34 3.81 7.22 8.88
C VAL A 34 2.73 6.55 8.04
N CYS A 1 6.14 0.28 8.85
CA CYS A 1 4.99 -0.06 9.70
C CYS A 1 3.78 0.84 9.45
N PRO A 2 3.04 0.59 8.35
CA PRO A 2 1.84 1.37 7.99
C PRO A 2 0.74 1.21 9.04
N LYS A 3 0.18 2.34 9.48
CA LYS A 3 -0.87 2.33 10.49
C LYS A 3 -2.23 2.01 9.88
N ILE A 4 -2.51 2.61 8.73
CA ILE A 4 -3.79 2.38 8.05
C ILE A 4 -3.67 1.19 7.11
N LEU A 5 -3.48 0.02 7.69
CA LEU A 5 -3.33 -1.22 6.93
C LEU A 5 -4.63 -1.56 6.19
N LYS A 6 -4.50 -1.91 4.92
CA LYS A 6 -5.65 -2.26 4.11
C LYS A 6 -5.25 -3.26 3.03
N LYS A 7 -6.11 -4.22 2.78
CA LYS A 7 -5.86 -5.26 1.79
C LYS A 7 -6.26 -4.81 0.39
N CYS A 8 -5.53 -5.29 -0.60
CA CYS A 8 -5.78 -4.96 -2.00
C CYS A 8 -5.43 -6.14 -2.89
N ARG A 9 -6.22 -6.35 -3.95
CA ARG A 9 -5.94 -7.47 -4.86
C ARG A 9 -5.34 -6.93 -6.16
N ARG A 10 -4.93 -5.68 -6.09
CA ARG A 10 -4.32 -4.98 -7.21
C ARG A 10 -3.78 -3.65 -6.71
N ASP A 11 -2.84 -3.09 -7.45
CA ASP A 11 -2.24 -1.82 -7.08
C ASP A 11 -3.25 -0.68 -7.13
N SER A 12 -4.10 -0.71 -8.15
CA SER A 12 -5.12 0.33 -8.35
C SER A 12 -6.07 0.47 -7.15
N ASP A 13 -6.09 -0.54 -6.28
CA ASP A 13 -6.95 -0.51 -5.09
C ASP A 13 -6.42 0.51 -4.09
N CYS A 14 -5.15 0.84 -4.21
CA CYS A 14 -4.53 1.78 -3.31
C CYS A 14 -4.30 3.12 -4.00
N PRO A 15 -4.49 4.22 -3.28
CA PRO A 15 -4.29 5.57 -3.82
C PRO A 15 -2.82 5.84 -4.12
N GLY A 16 -2.58 6.80 -5.00
CA GLY A 16 -1.21 7.17 -5.40
C GLY A 16 -0.27 7.46 -4.23
N ALA A 17 -0.83 7.67 -3.04
CA ALA A 17 -0.03 7.95 -1.85
C ALA A 17 0.79 6.73 -1.43
N CYS A 18 0.33 5.55 -1.83
CA CYS A 18 1.02 4.32 -1.50
C CYS A 18 0.92 3.33 -2.65
N ILE A 19 1.45 2.14 -2.46
CA ILE A 19 1.41 1.09 -3.48
C ILE A 19 0.97 -0.23 -2.89
N CYS A 20 0.33 -1.06 -3.69
CA CYS A 20 -0.13 -2.36 -3.22
C CYS A 20 1.01 -3.37 -3.27
N ARG A 21 1.32 -3.96 -2.12
CA ARG A 21 2.41 -4.92 -2.02
C ARG A 21 1.96 -6.29 -2.52
N GLY A 22 2.94 -7.15 -2.76
CA GLY A 22 2.68 -8.50 -3.25
C GLY A 22 1.85 -9.33 -2.27
N ASN A 23 1.90 -8.97 -0.99
CA ASN A 23 1.16 -9.68 0.04
C ASN A 23 -0.33 -9.32 0.02
N GLY A 24 -0.69 -8.38 -0.85
CA GLY A 24 -2.07 -7.97 -0.96
C GLY A 24 -2.47 -6.92 0.05
N TYR A 25 -1.56 -6.01 0.36
CA TYR A 25 -1.84 -4.93 1.30
C TYR A 25 -1.09 -3.68 0.86
N CYS A 26 -1.62 -2.53 1.24
CA CYS A 26 -1.00 -1.26 0.89
C CYS A 26 0.31 -1.07 1.63
N GLY A 27 1.25 -0.41 0.96
CA GLY A 27 2.55 -0.16 1.53
C GLY A 27 3.08 1.19 1.08
N SER A 28 3.76 1.86 2.00
CA SER A 28 4.33 3.17 1.73
C SER A 28 5.35 3.11 0.60
N GLY A 29 5.32 4.11 -0.27
CA GLY A 29 6.24 4.18 -1.38
C GLY A 29 7.52 4.89 -0.99
N SER A 30 7.72 6.08 -1.54
CA SER A 30 8.89 6.87 -1.22
C SER A 30 8.62 7.74 0.00
N ASP A 31 7.73 7.25 0.85
CA ASP A 31 7.33 7.95 2.07
C ASP A 31 8.49 8.04 3.04
N GLY A 32 9.28 6.96 3.08
CA GLY A 32 10.40 6.91 3.98
C GLY A 32 10.00 6.54 5.39
N GLY A 33 9.04 5.62 5.50
CA GLY A 33 8.57 5.19 6.79
C GLY A 33 7.96 3.81 6.74
N VAL A 34 8.31 2.97 7.70
CA VAL A 34 7.80 1.62 7.75
C VAL A 34 6.59 1.51 8.67
N CYS A 1 6.38 4.75 7.67
CA CYS A 1 5.48 3.61 7.71
C CYS A 1 4.17 3.94 6.99
N PRO A 2 3.57 2.96 6.30
CA PRO A 2 2.33 3.17 5.55
C PRO A 2 1.20 3.67 6.46
N LYS A 3 0.71 4.87 6.16
CA LYS A 3 -0.35 5.47 6.94
C LYS A 3 -1.69 4.81 6.62
N ILE A 4 -1.82 4.33 5.41
CA ILE A 4 -3.04 3.67 4.97
C ILE A 4 -2.76 2.19 4.73
N LEU A 5 -3.59 1.33 5.30
CA LEU A 5 -3.42 -0.10 5.14
C LEU A 5 -4.76 -0.74 4.77
N LYS A 6 -4.79 -1.37 3.60
CA LYS A 6 -5.99 -2.03 3.11
C LYS A 6 -5.58 -3.21 2.23
N LYS A 7 -6.36 -4.28 2.27
CA LYS A 7 -6.08 -5.43 1.44
C LYS A 7 -6.39 -5.06 0.00
N CYS A 8 -5.51 -5.46 -0.91
CA CYS A 8 -5.68 -5.12 -2.31
C CYS A 8 -5.23 -6.25 -3.22
N ARG A 9 -5.85 -6.33 -4.39
CA ARG A 9 -5.49 -7.34 -5.37
C ARG A 9 -4.89 -6.64 -6.58
N ARG A 10 -4.69 -5.34 -6.39
CA ARG A 10 -4.14 -4.45 -7.41
C ARG A 10 -3.81 -3.12 -6.78
N ASP A 11 -3.03 -2.32 -7.48
CA ASP A 11 -2.64 -1.00 -6.99
C ASP A 11 -3.83 -0.06 -6.91
N SER A 12 -4.74 -0.20 -7.87
CA SER A 12 -5.95 0.64 -7.96
C SER A 12 -6.79 0.63 -6.69
N ASP A 13 -6.68 -0.43 -5.88
CA ASP A 13 -7.47 -0.52 -4.65
C ASP A 13 -6.95 0.45 -3.60
N CYS A 14 -5.77 1.01 -3.82
CA CYS A 14 -5.17 1.94 -2.89
C CYS A 14 -4.77 3.23 -3.61
N PRO A 15 -4.82 4.38 -2.91
CA PRO A 15 -4.45 5.67 -3.52
C PRO A 15 -3.00 5.69 -3.98
N GLY A 16 -2.68 6.60 -4.89
CA GLY A 16 -1.32 6.72 -5.41
C GLY A 16 -0.29 7.20 -4.41
N ALA A 17 -0.62 7.11 -3.13
CA ALA A 17 0.30 7.51 -2.07
C ALA A 17 1.22 6.34 -1.71
N CYS A 18 0.76 5.14 -2.05
CA CYS A 18 1.52 3.92 -1.78
C CYS A 18 1.19 2.90 -2.86
N ILE A 19 1.77 1.71 -2.77
CA ILE A 19 1.50 0.66 -3.76
C ILE A 19 1.13 -0.64 -3.05
N CYS A 20 0.45 -1.51 -3.77
CA CYS A 20 0.03 -2.79 -3.23
C CYS A 20 1.22 -3.74 -3.21
N ARG A 21 1.61 -4.17 -2.02
CA ARG A 21 2.75 -5.07 -1.88
C ARG A 21 2.35 -6.52 -2.16
N GLY A 22 3.34 -7.39 -2.27
CA GLY A 22 3.10 -8.81 -2.54
C GLY A 22 2.18 -9.47 -1.53
N ASN A 23 2.13 -8.93 -0.33
CA ASN A 23 1.28 -9.48 0.74
C ASN A 23 -0.19 -9.14 0.50
N GLY A 24 -0.45 -8.30 -0.49
CA GLY A 24 -1.82 -7.91 -0.79
C GLY A 24 -2.32 -6.78 0.08
N TYR A 25 -1.43 -5.86 0.43
CA TYR A 25 -1.79 -4.71 1.25
C TYR A 25 -1.00 -3.49 0.81
N CYS A 26 -1.51 -2.33 1.15
CA CYS A 26 -0.87 -1.06 0.80
C CYS A 26 0.48 -0.92 1.52
N GLY A 27 1.47 -0.44 0.78
CA GLY A 27 2.78 -0.27 1.37
C GLY A 27 3.52 0.92 0.77
N SER A 28 4.40 1.51 1.59
CA SER A 28 5.19 2.68 1.20
C SER A 28 5.86 2.49 -0.16
N GLY A 29 5.86 3.56 -0.95
CA GLY A 29 6.47 3.53 -2.26
C GLY A 29 7.94 3.89 -2.20
N SER A 30 8.27 5.05 -2.76
CA SER A 30 9.65 5.52 -2.76
C SER A 30 9.95 6.29 -1.47
N ASP A 31 9.25 5.93 -0.41
CA ASP A 31 9.41 6.57 0.88
C ASP A 31 10.70 6.09 1.55
N GLY A 32 10.82 4.78 1.67
CA GLY A 32 11.99 4.17 2.26
C GLY A 32 12.24 4.62 3.70
N GLY A 33 11.18 4.76 4.48
CA GLY A 33 11.35 5.18 5.86
C GLY A 33 10.05 5.34 6.60
N VAL A 34 9.15 6.14 6.07
CA VAL A 34 7.86 6.36 6.72
C VAL A 34 6.95 5.15 6.55
N CYS A 1 7.11 -1.45 11.29
CA CYS A 1 5.75 -1.16 11.76
C CYS A 1 5.08 -0.07 10.90
N PRO A 2 4.80 -0.37 9.62
CA PRO A 2 4.15 0.58 8.71
C PRO A 2 2.75 0.95 9.18
N LYS A 3 2.43 2.24 9.11
CA LYS A 3 1.13 2.73 9.55
C LYS A 3 0.10 2.58 8.43
N ILE A 4 0.09 1.41 7.79
CA ILE A 4 -0.84 1.14 6.71
C ILE A 4 -1.14 -0.36 6.67
N LEU A 5 -2.42 -0.71 6.50
CA LEU A 5 -2.83 -2.11 6.46
C LEU A 5 -4.10 -2.30 5.65
N LYS A 6 -4.19 -1.60 4.52
CA LYS A 6 -5.34 -1.73 3.65
C LYS A 6 -5.11 -2.85 2.64
N LYS A 7 -5.96 -3.85 2.65
CA LYS A 7 -5.81 -4.98 1.73
C LYS A 7 -6.19 -4.58 0.31
N CYS A 8 -5.47 -5.11 -0.66
CA CYS A 8 -5.71 -4.81 -2.06
C CYS A 8 -5.41 -6.03 -2.93
N ARG A 9 -6.15 -6.17 -4.03
CA ARG A 9 -5.93 -7.28 -4.94
C ARG A 9 -5.38 -6.78 -6.27
N ARG A 10 -4.84 -5.57 -6.22
CA ARG A 10 -4.24 -4.92 -7.38
C ARG A 10 -3.69 -3.56 -6.97
N ASP A 11 -3.11 -2.87 -7.92
CA ASP A 11 -2.52 -1.55 -7.69
C ASP A 11 -3.59 -0.48 -7.48
N SER A 12 -4.55 -0.43 -8.39
CA SER A 12 -5.64 0.57 -8.36
C SER A 12 -6.42 0.57 -7.04
N ASP A 13 -6.43 -0.55 -6.34
CA ASP A 13 -7.16 -0.64 -5.07
C ASP A 13 -6.57 0.31 -4.03
N CYS A 14 -5.34 0.73 -4.25
CA CYS A 14 -4.67 1.63 -3.31
C CYS A 14 -4.39 2.97 -3.95
N PRO A 15 -4.55 4.07 -3.19
CA PRO A 15 -4.31 5.42 -3.67
C PRO A 15 -2.83 5.68 -3.96
N GLY A 16 -2.56 6.70 -4.76
CA GLY A 16 -1.20 7.05 -5.14
C GLY A 16 -0.25 7.29 -3.97
N ALA A 17 -0.82 7.49 -2.78
CA ALA A 17 -0.02 7.73 -1.58
C ALA A 17 0.78 6.49 -1.19
N CYS A 18 0.40 5.34 -1.75
CA CYS A 18 1.07 4.08 -1.48
C CYS A 18 0.94 3.16 -2.68
N ILE A 19 1.42 1.93 -2.53
CA ILE A 19 1.36 0.94 -3.58
C ILE A 19 0.96 -0.40 -2.99
N CYS A 20 0.32 -1.25 -3.78
CA CYS A 20 -0.09 -2.55 -3.31
C CYS A 20 1.11 -3.50 -3.27
N ARG A 21 1.42 -4.00 -2.08
CA ARG A 21 2.55 -4.90 -1.89
C ARG A 21 2.19 -6.32 -2.32
N GLY A 22 3.20 -7.17 -2.40
CA GLY A 22 3.00 -8.56 -2.79
C GLY A 22 2.11 -9.34 -1.84
N ASN A 23 2.05 -8.91 -0.58
CA ASN A 23 1.23 -9.60 0.42
C ASN A 23 -0.25 -9.19 0.33
N GLY A 24 -0.61 -8.53 -0.75
CA GLY A 24 -1.99 -8.11 -0.96
C GLY A 24 -2.44 -7.00 -0.02
N TYR A 25 -1.51 -6.14 0.37
CA TYR A 25 -1.84 -5.02 1.24
C TYR A 25 -1.07 -3.78 0.81
N CYS A 26 -1.64 -2.65 1.16
CA CYS A 26 -1.06 -1.36 0.84
C CYS A 26 0.24 -1.09 1.59
N GLY A 27 1.17 -0.47 0.90
CA GLY A 27 2.44 -0.13 1.48
C GLY A 27 3.00 1.12 0.80
N SER A 28 3.44 2.08 1.59
CA SER A 28 3.97 3.31 1.03
C SER A 28 5.34 3.05 0.42
N GLY A 29 5.98 4.11 -0.09
CA GLY A 29 7.30 3.99 -0.70
C GLY A 29 8.27 3.26 0.22
N SER A 30 8.20 3.56 1.51
CA SER A 30 9.05 2.92 2.49
C SER A 30 8.30 1.73 3.09
N ASP A 31 7.88 0.82 2.23
CA ASP A 31 7.12 -0.36 2.65
C ASP A 31 7.91 -1.20 3.65
N GLY A 32 9.22 -1.29 3.45
CA GLY A 32 10.08 -2.06 4.34
C GLY A 32 10.34 -1.36 5.66
N GLY A 33 9.50 -0.40 6.00
CA GLY A 33 9.65 0.33 7.25
C GLY A 33 9.15 -0.48 8.42
N VAL A 34 9.80 -0.32 9.56
CA VAL A 34 9.42 -1.05 10.76
C VAL A 34 8.08 -0.56 11.28
N CYS A 1 2.80 4.50 11.86
CA CYS A 1 2.56 3.11 11.52
C CYS A 1 1.09 2.75 11.63
N PRO A 2 0.48 2.27 10.53
CA PRO A 2 -0.93 1.91 10.49
C PRO A 2 -1.22 0.69 11.36
N LYS A 3 -2.30 0.78 12.14
CA LYS A 3 -2.69 -0.31 13.02
C LYS A 3 -3.16 -1.52 12.21
N ILE A 4 -3.69 -1.25 11.03
CA ILE A 4 -4.18 -2.30 10.14
C ILE A 4 -4.02 -1.87 8.69
N LEU A 5 -3.51 -2.78 7.87
CA LEU A 5 -3.29 -2.50 6.46
C LEU A 5 -4.52 -2.87 5.64
N LYS A 6 -4.70 -2.17 4.54
CA LYS A 6 -5.82 -2.41 3.65
C LYS A 6 -5.46 -3.47 2.62
N LYS A 7 -6.28 -4.51 2.52
CA LYS A 7 -6.03 -5.57 1.56
C LYS A 7 -6.42 -5.13 0.16
N CYS A 8 -5.59 -5.44 -0.80
CA CYS A 8 -5.82 -5.07 -2.19
C CYS A 8 -5.59 -6.25 -3.12
N ARG A 9 -6.35 -6.30 -4.21
CA ARG A 9 -6.20 -7.37 -5.19
C ARG A 9 -5.47 -6.81 -6.41
N ARG A 10 -5.12 -5.54 -6.30
CA ARG A 10 -4.40 -4.81 -7.33
C ARG A 10 -3.90 -3.51 -6.74
N ASP A 11 -2.91 -2.94 -7.39
CA ASP A 11 -2.30 -1.69 -6.93
C ASP A 11 -3.32 -0.55 -6.89
N SER A 12 -4.21 -0.55 -7.88
CA SER A 12 -5.26 0.47 -8.02
C SER A 12 -6.17 0.59 -6.79
N ASP A 13 -6.23 -0.46 -5.97
CA ASP A 13 -7.09 -0.43 -4.79
C ASP A 13 -6.57 0.56 -3.76
N CYS A 14 -5.31 0.93 -3.88
CA CYS A 14 -4.70 1.85 -2.94
C CYS A 14 -4.36 3.17 -3.62
N PRO A 15 -4.47 4.30 -2.89
CA PRO A 15 -4.17 5.63 -3.43
C PRO A 15 -2.79 5.73 -4.03
N GLY A 16 -2.67 6.60 -5.02
CA GLY A 16 -1.41 6.81 -5.74
C GLY A 16 -0.21 7.11 -4.85
N ALA A 17 -0.46 7.60 -3.64
CA ALA A 17 0.62 7.93 -2.71
C ALA A 17 1.33 6.67 -2.24
N CYS A 18 0.55 5.65 -1.94
CA CYS A 18 1.08 4.37 -1.49
C CYS A 18 1.00 3.36 -2.62
N ILE A 19 1.46 2.14 -2.37
CA ILE A 19 1.41 1.08 -3.38
C ILE A 19 1.03 -0.24 -2.74
N CYS A 20 0.32 -1.06 -3.49
CA CYS A 20 -0.11 -2.38 -3.02
C CYS A 20 1.08 -3.33 -3.08
N ARG A 21 1.46 -3.89 -1.94
CA ARG A 21 2.60 -4.80 -1.88
C ARG A 21 2.22 -6.20 -2.34
N GLY A 22 3.23 -7.04 -2.51
CA GLY A 22 3.03 -8.41 -2.96
C GLY A 22 2.16 -9.24 -2.04
N ASN A 23 2.12 -8.86 -0.77
CA ASN A 23 1.30 -9.59 0.22
C ASN A 23 -0.19 -9.28 0.03
N GLY A 24 -0.48 -8.33 -0.84
CA GLY A 24 -1.86 -7.96 -1.09
C GLY A 24 -2.38 -6.94 -0.10
N TYR A 25 -1.52 -6.04 0.34
CA TYR A 25 -1.90 -4.99 1.28
C TYR A 25 -1.20 -3.69 0.93
N CYS A 26 -1.82 -2.60 1.33
CA CYS A 26 -1.30 -1.27 1.09
C CYS A 26 0.04 -1.05 1.78
N GLY A 27 0.96 -0.43 1.08
CA GLY A 27 2.25 -0.14 1.64
C GLY A 27 2.72 1.24 1.26
N SER A 28 3.08 2.03 2.26
CA SER A 28 3.54 3.39 2.05
C SER A 28 4.83 3.42 1.24
N GLY A 29 4.92 4.36 0.30
CA GLY A 29 6.11 4.47 -0.52
C GLY A 29 7.13 5.37 0.14
N SER A 30 6.70 6.58 0.45
CA SER A 30 7.55 7.56 1.11
C SER A 30 6.66 8.41 2.00
N ASP A 31 5.52 7.83 2.33
CA ASP A 31 4.51 8.47 3.15
C ASP A 31 4.17 7.57 4.33
N GLY A 32 5.21 7.02 4.95
CA GLY A 32 5.01 6.14 6.10
C GLY A 32 4.31 6.83 7.25
N GLY A 33 4.88 7.93 7.72
CA GLY A 33 4.29 8.66 8.82
C GLY A 33 4.11 7.80 10.06
N VAL A 34 2.88 7.70 10.54
CA VAL A 34 2.56 6.89 11.69
C VAL A 34 2.20 5.48 11.23
N CYS A 1 2.73 11.70 1.95
CA CYS A 1 1.73 10.71 1.60
C CYS A 1 1.38 9.85 2.81
N PRO A 2 0.09 9.69 3.12
CA PRO A 2 -0.38 8.91 4.26
C PRO A 2 -0.09 7.41 4.09
N LYS A 3 0.47 6.81 5.13
CA LYS A 3 0.78 5.39 5.13
C LYS A 3 -0.40 4.58 5.63
N ILE A 4 -1.48 4.58 4.87
CA ILE A 4 -2.68 3.88 5.25
C ILE A 4 -2.63 2.42 4.77
N LEU A 5 -2.84 1.50 5.70
CA LEU A 5 -2.81 0.08 5.40
C LEU A 5 -4.20 -0.43 5.02
N LYS A 6 -4.28 -1.14 3.90
CA LYS A 6 -5.54 -1.69 3.42
C LYS A 6 -5.29 -2.98 2.68
N LYS A 7 -6.36 -3.70 2.40
CA LYS A 7 -6.29 -4.95 1.66
C LYS A 7 -6.28 -4.63 0.17
N CYS A 8 -5.49 -5.33 -0.62
CA CYS A 8 -5.44 -5.05 -2.05
C CYS A 8 -5.02 -6.27 -2.85
N ARG A 9 -5.51 -6.32 -4.07
CA ARG A 9 -5.20 -7.39 -5.00
C ARG A 9 -4.82 -6.80 -6.35
N ARG A 10 -4.46 -5.52 -6.32
CA ARG A 10 -4.03 -4.77 -7.48
C ARG A 10 -3.63 -3.35 -7.10
N ASP A 11 -3.10 -2.63 -8.07
CA ASP A 11 -2.62 -1.26 -7.91
C ASP A 11 -3.72 -0.27 -7.51
N SER A 12 -4.80 -0.22 -8.29
CA SER A 12 -5.90 0.72 -8.07
C SER A 12 -6.56 0.61 -6.70
N ASP A 13 -6.40 -0.53 -6.06
CA ASP A 13 -7.01 -0.76 -4.73
C ASP A 13 -6.48 0.23 -3.71
N CYS A 14 -5.29 0.77 -3.96
CA CYS A 14 -4.69 1.72 -3.05
C CYS A 14 -4.35 3.01 -3.79
N PRO A 15 -4.55 4.16 -3.13
CA PRO A 15 -4.26 5.47 -3.74
C PRO A 15 -2.78 5.67 -4.05
N GLY A 16 -2.48 6.66 -4.88
CA GLY A 16 -1.11 6.96 -5.28
C GLY A 16 -0.18 7.20 -4.09
N ALA A 17 -0.76 7.48 -2.94
CA ALA A 17 0.02 7.72 -1.72
C ALA A 17 0.69 6.43 -1.23
N CYS A 18 0.30 5.32 -1.83
CA CYS A 18 0.84 4.02 -1.48
C CYS A 18 0.82 3.12 -2.71
N ILE A 19 1.27 1.89 -2.53
CA ILE A 19 1.29 0.90 -3.60
C ILE A 19 0.89 -0.46 -3.08
N CYS A 20 0.25 -1.26 -3.90
CA CYS A 20 -0.17 -2.59 -3.46
C CYS A 20 1.03 -3.53 -3.39
N ARG A 21 1.26 -4.09 -2.21
CA ARG A 21 2.37 -5.01 -2.01
C ARG A 21 2.00 -6.41 -2.47
N GLY A 22 3.00 -7.28 -2.49
CA GLY A 22 2.78 -8.66 -2.92
C GLY A 22 1.94 -9.45 -1.94
N ASN A 23 1.96 -9.04 -0.67
CA ASN A 23 1.21 -9.74 0.37
C ASN A 23 -0.25 -9.26 0.44
N GLY A 24 -0.69 -8.54 -0.58
CA GLY A 24 -2.06 -8.07 -0.65
C GLY A 24 -2.41 -6.95 0.33
N TYR A 25 -1.43 -6.10 0.62
CA TYR A 25 -1.65 -4.97 1.51
C TYR A 25 -1.01 -3.71 0.96
N CYS A 26 -1.49 -2.58 1.41
CA CYS A 26 -0.96 -1.29 0.97
C CYS A 26 0.41 -1.04 1.57
N GLY A 27 1.31 -0.55 0.73
CA GLY A 27 2.65 -0.24 1.16
C GLY A 27 2.94 1.23 0.95
N SER A 28 3.57 1.85 1.95
CA SER A 28 3.88 3.28 1.90
C SER A 28 4.58 3.67 0.59
N GLY A 29 4.06 4.69 -0.06
CA GLY A 29 4.63 5.17 -1.30
C GLY A 29 4.65 6.67 -1.35
N SER A 30 5.41 7.27 -0.44
CA SER A 30 5.52 8.73 -0.34
C SER A 30 6.37 9.31 -1.47
N ASP A 31 6.06 8.90 -2.69
CA ASP A 31 6.78 9.38 -3.88
C ASP A 31 6.48 10.85 -4.10
N GLY A 32 5.20 11.18 -4.10
CA GLY A 32 4.77 12.55 -4.27
C GLY A 32 4.89 13.37 -3.00
N GLY A 33 6.03 13.26 -2.34
CA GLY A 33 6.25 13.99 -1.11
C GLY A 33 5.48 13.41 0.06
N VAL A 34 4.69 14.24 0.72
CA VAL A 34 3.89 13.80 1.85
C VAL A 34 2.76 12.89 1.39
N CYS A 1 2.21 7.91 6.93
CA CYS A 1 1.95 6.48 6.80
C CYS A 1 0.53 6.16 7.27
N PRO A 2 -0.24 5.41 6.46
CA PRO A 2 -1.61 5.05 6.80
C PRO A 2 -1.68 4.16 8.05
N LYS A 3 -2.21 4.72 9.13
CA LYS A 3 -2.33 3.99 10.39
C LYS A 3 -3.59 3.12 10.41
N ILE A 4 -3.87 2.49 9.29
CA ILE A 4 -5.03 1.62 9.18
C ILE A 4 -4.78 0.54 8.12
N LEU A 5 -5.10 -0.70 8.47
CA LEU A 5 -4.89 -1.83 7.57
C LEU A 5 -5.73 -1.69 6.30
N LYS A 6 -5.11 -1.97 5.17
CA LYS A 6 -5.77 -1.89 3.88
C LYS A 6 -5.23 -2.97 2.94
N LYS A 7 -6.12 -3.78 2.42
CA LYS A 7 -5.75 -4.85 1.50
C LYS A 7 -6.05 -4.44 0.08
N CYS A 8 -5.21 -4.85 -0.85
CA CYS A 8 -5.38 -4.52 -2.24
C CYS A 8 -5.51 -5.77 -3.10
N ARG A 9 -6.28 -5.65 -4.17
CA ARG A 9 -6.51 -6.76 -5.09
C ARG A 9 -5.63 -6.55 -6.31
N ARG A 10 -5.18 -5.31 -6.41
CA ARG A 10 -4.30 -4.85 -7.46
C ARG A 10 -3.74 -3.52 -7.01
N ASP A 11 -2.87 -2.94 -7.81
CA ASP A 11 -2.26 -1.66 -7.45
C ASP A 11 -3.33 -0.57 -7.34
N SER A 12 -4.33 -0.63 -8.22
CA SER A 12 -5.41 0.35 -8.25
C SER A 12 -6.20 0.40 -6.94
N ASP A 13 -6.25 -0.72 -6.22
CA ASP A 13 -6.98 -0.79 -4.95
C ASP A 13 -6.29 0.04 -3.87
N CYS A 14 -5.06 0.44 -4.15
CA CYS A 14 -4.29 1.23 -3.21
C CYS A 14 -4.25 2.69 -3.65
N PRO A 15 -4.30 3.63 -2.68
CA PRO A 15 -4.26 5.07 -2.97
C PRO A 15 -2.96 5.48 -3.62
N GLY A 16 -3.01 6.57 -4.38
CA GLY A 16 -1.85 7.08 -5.09
C GLY A 16 -0.62 7.31 -4.21
N ALA A 17 -0.83 7.63 -2.93
CA ALA A 17 0.26 7.88 -2.01
C ALA A 17 0.96 6.59 -1.57
N CYS A 18 0.52 5.47 -2.11
CA CYS A 18 1.10 4.17 -1.77
C CYS A 18 1.01 3.22 -2.95
N ILE A 19 1.45 1.99 -2.74
CA ILE A 19 1.41 0.98 -3.79
C ILE A 19 1.00 -0.36 -3.18
N CYS A 20 0.47 -1.24 -4.03
CA CYS A 20 0.04 -2.55 -3.59
C CYS A 20 1.24 -3.48 -3.39
N ARG A 21 1.39 -3.98 -2.18
CA ARG A 21 2.50 -4.89 -1.85
C ARG A 21 2.19 -6.31 -2.30
N GLY A 22 3.20 -7.15 -2.26
CA GLY A 22 3.06 -8.54 -2.65
C GLY A 22 2.12 -9.33 -1.75
N ASN A 23 2.01 -8.92 -0.49
CA ASN A 23 1.14 -9.61 0.46
C ASN A 23 -0.31 -9.14 0.36
N GLY A 24 -0.66 -8.52 -0.77
CA GLY A 24 -2.01 -8.05 -0.99
C GLY A 24 -2.45 -6.95 -0.05
N TYR A 25 -1.51 -6.10 0.36
CA TYR A 25 -1.83 -4.98 1.24
C TYR A 25 -1.14 -3.72 0.77
N CYS A 26 -1.67 -2.60 1.20
CA CYS A 26 -1.11 -1.30 0.84
C CYS A 26 0.23 -1.04 1.52
N GLY A 27 1.12 -0.40 0.79
CA GLY A 27 2.43 -0.08 1.32
C GLY A 27 2.85 1.31 0.90
N SER A 28 3.34 2.10 1.85
CA SER A 28 3.78 3.45 1.58
C SER A 28 4.98 3.46 0.64
N GLY A 29 4.98 4.39 -0.30
CA GLY A 29 6.08 4.50 -1.24
C GLY A 29 6.01 5.79 -2.02
N SER A 30 4.86 6.06 -2.60
CA SER A 30 4.65 7.28 -3.37
C SER A 30 4.34 8.46 -2.45
N ASP A 31 5.13 8.58 -1.38
CA ASP A 31 4.97 9.64 -0.39
C ASP A 31 6.13 9.59 0.59
N GLY A 32 5.86 9.11 1.80
CA GLY A 32 6.89 9.04 2.81
C GLY A 32 6.60 9.98 3.95
N GLY A 33 5.84 11.03 3.66
CA GLY A 33 5.49 12.00 4.68
C GLY A 33 4.54 11.44 5.72
N VAL A 34 3.49 10.75 5.27
CA VAL A 34 2.53 10.18 6.19
C VAL A 34 2.26 8.71 5.89
N CYS A 1 3.68 2.68 7.60
CA CYS A 1 2.84 1.50 7.70
C CYS A 1 1.39 1.89 7.99
N PRO A 2 0.45 1.48 7.14
CA PRO A 2 -0.97 1.79 7.31
C PRO A 2 -1.59 1.03 8.48
N LYS A 3 -2.08 1.77 9.46
CA LYS A 3 -2.71 1.15 10.64
C LYS A 3 -4.15 0.72 10.34
N ILE A 4 -4.35 0.12 9.17
CA ILE A 4 -5.67 -0.34 8.76
C ILE A 4 -5.52 -1.52 7.81
N LEU A 5 -6.45 -2.47 7.92
CA LEU A 5 -6.44 -3.68 7.07
C LEU A 5 -6.77 -3.33 5.62
N LYS A 6 -5.82 -2.73 4.92
CA LYS A 6 -6.00 -2.34 3.53
C LYS A 6 -5.63 -3.45 2.56
N LYS A 7 -6.34 -4.57 2.64
CA LYS A 7 -6.08 -5.69 1.76
C LYS A 7 -6.61 -5.37 0.35
N CYS A 8 -5.79 -5.58 -0.65
CA CYS A 8 -6.17 -5.28 -2.03
C CYS A 8 -6.14 -6.53 -2.89
N ARG A 9 -6.52 -6.35 -4.16
CA ARG A 9 -6.48 -7.44 -5.12
C ARG A 9 -5.78 -6.92 -6.37
N ARG A 10 -5.19 -5.72 -6.22
CA ARG A 10 -4.45 -5.04 -7.29
C ARG A 10 -3.83 -3.77 -6.73
N ASP A 11 -3.01 -3.14 -7.55
CA ASP A 11 -2.33 -1.91 -7.17
C ASP A 11 -3.30 -0.73 -7.08
N SER A 12 -4.19 -0.64 -8.06
CA SER A 12 -5.16 0.45 -8.16
C SER A 12 -6.11 0.56 -6.96
N ASP A 13 -6.15 -0.47 -6.11
CA ASP A 13 -7.04 -0.44 -4.94
C ASP A 13 -6.56 0.60 -3.93
N CYS A 14 -5.29 0.96 -4.02
CA CYS A 14 -4.73 1.93 -3.10
C CYS A 14 -4.40 3.23 -3.84
N PRO A 15 -4.63 4.39 -3.20
CA PRO A 15 -4.37 5.70 -3.80
C PRO A 15 -2.89 5.89 -4.12
N GLY A 16 -2.59 6.92 -4.93
CA GLY A 16 -1.22 7.20 -5.33
C GLY A 16 -0.31 7.66 -4.20
N ALA A 17 -0.68 7.36 -2.98
CA ALA A 17 0.12 7.71 -1.81
C ALA A 17 1.16 6.64 -1.55
N CYS A 18 0.82 5.41 -1.93
CA CYS A 18 1.68 4.24 -1.78
C CYS A 18 1.26 3.21 -2.81
N ILE A 19 1.86 2.04 -2.77
CA ILE A 19 1.50 0.98 -3.71
C ILE A 19 1.21 -0.31 -2.97
N CYS A 20 0.32 -1.12 -3.51
CA CYS A 20 -0.01 -2.38 -2.87
C CYS A 20 1.11 -3.37 -3.13
N ARG A 21 1.67 -3.89 -2.06
CA ARG A 21 2.77 -4.85 -2.16
C ARG A 21 2.27 -6.25 -2.47
N GLY A 22 3.21 -7.15 -2.74
CA GLY A 22 2.88 -8.53 -3.07
C GLY A 22 2.04 -9.24 -2.01
N ASN A 23 2.12 -8.78 -0.77
CA ASN A 23 1.35 -9.39 0.32
C ASN A 23 -0.12 -8.99 0.26
N GLY A 24 -0.47 -8.17 -0.72
CA GLY A 24 -1.86 -7.74 -0.89
C GLY A 24 -2.28 -6.63 0.05
N TYR A 25 -1.35 -5.75 0.40
CA TYR A 25 -1.65 -4.62 1.27
C TYR A 25 -0.86 -3.39 0.84
N CYS A 26 -1.39 -2.23 1.17
CA CYS A 26 -0.75 -0.96 0.84
C CYS A 26 0.60 -0.81 1.51
N GLY A 27 1.58 -0.31 0.77
CA GLY A 27 2.91 -0.12 1.31
C GLY A 27 3.65 0.98 0.60
N SER A 28 4.44 1.74 1.35
CA SER A 28 5.22 2.83 0.80
C SER A 28 6.34 2.29 -0.08
N GLY A 29 6.68 3.04 -1.12
CA GLY A 29 7.75 2.62 -2.01
C GLY A 29 9.10 2.75 -1.34
N SER A 30 9.40 3.95 -0.92
CA SER A 30 10.64 4.25 -0.22
C SER A 30 10.43 5.49 0.63
N ASP A 31 9.17 5.71 0.95
CA ASP A 31 8.74 6.85 1.75
C ASP A 31 9.01 6.63 3.23
N GLY A 32 10.24 6.28 3.55
CA GLY A 32 10.64 6.02 4.92
C GLY A 32 10.16 4.66 5.41
N GLY A 33 8.88 4.40 5.24
CA GLY A 33 8.30 3.14 5.67
C GLY A 33 7.00 3.33 6.42
N VAL A 34 6.14 4.20 5.90
CA VAL A 34 4.86 4.47 6.52
C VAL A 34 3.96 3.24 6.45
N CYS A 1 6.91 -1.45 8.12
CA CYS A 1 6.08 -2.02 9.19
C CYS A 1 4.84 -1.16 9.45
N PRO A 2 3.90 -1.12 8.49
CA PRO A 2 2.67 -0.34 8.63
C PRO A 2 1.78 -0.93 9.72
N LYS A 3 1.28 -0.07 10.61
CA LYS A 3 0.42 -0.52 11.69
C LYS A 3 -1.00 -0.76 11.21
N ILE A 4 -1.44 0.07 10.28
CA ILE A 4 -2.78 -0.05 9.71
C ILE A 4 -2.72 0.20 8.21
N LEU A 5 -3.42 -0.62 7.44
CA LEU A 5 -3.42 -0.50 5.99
C LEU A 5 -4.57 -1.27 5.37
N LYS A 6 -4.84 -0.97 4.11
CA LYS A 6 -5.92 -1.60 3.39
C LYS A 6 -5.41 -2.77 2.57
N LYS A 7 -6.14 -3.88 2.59
CA LYS A 7 -5.79 -5.02 1.78
C LYS A 7 -6.14 -4.68 0.35
N CYS A 8 -5.27 -5.02 -0.59
CA CYS A 8 -5.49 -4.69 -1.98
C CYS A 8 -5.59 -5.92 -2.86
N ARG A 9 -6.44 -5.83 -3.87
CA ARG A 9 -6.63 -6.93 -4.81
C ARG A 9 -5.90 -6.60 -6.10
N ARG A 10 -5.30 -5.42 -6.13
CA ARG A 10 -4.56 -4.94 -7.29
C ARG A 10 -3.82 -3.67 -6.94
N ASP A 11 -3.11 -3.13 -7.90
CA ASP A 11 -2.33 -1.90 -7.74
C ASP A 11 -3.22 -0.69 -7.42
N SER A 12 -4.18 -0.42 -8.29
CA SER A 12 -5.07 0.72 -8.14
C SER A 12 -6.07 0.54 -6.97
N ASP A 13 -5.94 -0.56 -6.23
CA ASP A 13 -6.81 -0.80 -5.10
C ASP A 13 -6.44 0.14 -3.95
N CYS A 14 -5.28 0.76 -4.07
CA CYS A 14 -4.78 1.67 -3.07
C CYS A 14 -4.45 3.02 -3.73
N PRO A 15 -4.65 4.14 -3.02
CA PRO A 15 -4.37 5.48 -3.55
C PRO A 15 -2.90 5.67 -3.90
N GLY A 16 -2.64 6.64 -4.77
CA GLY A 16 -1.28 6.95 -5.22
C GLY A 16 -0.27 7.15 -4.10
N ALA A 17 -0.75 7.52 -2.91
CA ALA A 17 0.12 7.72 -1.76
C ALA A 17 0.82 6.42 -1.35
N CYS A 18 0.22 5.31 -1.73
CA CYS A 18 0.77 4.00 -1.42
C CYS A 18 0.72 3.10 -2.65
N ILE A 19 1.18 1.88 -2.48
CA ILE A 19 1.20 0.89 -3.54
C ILE A 19 0.89 -0.48 -2.99
N CYS A 20 0.29 -1.33 -3.82
CA CYS A 20 -0.05 -2.68 -3.40
C CYS A 20 1.20 -3.54 -3.31
N ARG A 21 1.47 -4.08 -2.12
CA ARG A 21 2.63 -4.91 -1.91
C ARG A 21 2.36 -6.34 -2.38
N GLY A 22 3.41 -7.15 -2.45
CA GLY A 22 3.28 -8.53 -2.89
C GLY A 22 2.37 -9.36 -1.99
N ASN A 23 2.24 -8.95 -0.73
CA ASN A 23 1.41 -9.66 0.23
C ASN A 23 -0.07 -9.35 0.02
N GLY A 24 -0.37 -8.40 -0.85
CA GLY A 24 -1.75 -8.04 -1.12
C GLY A 24 -2.28 -6.99 -0.15
N TYR A 25 -1.39 -6.12 0.32
CA TYR A 25 -1.78 -5.06 1.25
C TYR A 25 -1.08 -3.77 0.86
N CYS A 26 -1.66 -2.66 1.27
CA CYS A 26 -1.13 -1.34 0.97
C CYS A 26 0.21 -1.09 1.66
N GLY A 27 1.14 -0.53 0.91
CA GLY A 27 2.44 -0.20 1.43
C GLY A 27 2.82 1.20 0.99
N SER A 28 3.42 1.97 1.90
CA SER A 28 3.81 3.35 1.60
C SER A 28 4.51 3.47 0.25
N GLY A 29 4.01 4.37 -0.59
CA GLY A 29 4.60 4.56 -1.91
C GLY A 29 5.94 5.24 -1.84
N SER A 30 5.98 6.39 -1.18
CA SER A 30 7.21 7.14 -1.02
C SER A 30 7.99 6.63 0.19
N ASP A 31 8.08 5.30 0.27
CA ASP A 31 8.76 4.62 1.36
C ASP A 31 8.99 3.17 0.92
N GLY A 32 8.44 2.22 1.66
CA GLY A 32 8.60 0.83 1.31
C GLY A 32 7.88 -0.10 2.28
N GLY A 33 6.89 0.45 2.98
CA GLY A 33 6.13 -0.35 3.93
C GLY A 33 6.94 -0.68 5.16
N VAL A 34 7.50 0.35 5.80
CA VAL A 34 8.32 0.17 7.00
C VAL A 34 7.49 -0.26 8.21
N CYS A 1 6.88 -2.10 9.06
CA CYS A 1 6.22 -2.63 10.23
C CYS A 1 4.74 -2.28 10.19
N PRO A 2 3.86 -3.19 10.64
CA PRO A 2 2.41 -2.96 10.66
C PRO A 2 2.04 -1.67 11.37
N LYS A 3 1.18 -0.89 10.74
CA LYS A 3 0.74 0.39 11.30
C LYS A 3 -0.59 0.82 10.70
N ILE A 4 -0.68 0.78 9.38
CA ILE A 4 -1.89 1.15 8.67
C ILE A 4 -1.98 0.38 7.36
N LEU A 5 -1.86 -0.92 7.49
CA LEU A 5 -1.92 -1.81 6.33
C LEU A 5 -3.35 -1.92 5.83
N LYS A 6 -3.52 -1.70 4.53
CA LYS A 6 -4.84 -1.75 3.92
C LYS A 6 -4.85 -2.86 2.87
N LYS A 7 -5.84 -3.74 2.94
CA LYS A 7 -5.95 -4.85 1.99
C LYS A 7 -6.28 -4.34 0.59
N CYS A 8 -5.63 -4.93 -0.40
CA CYS A 8 -5.84 -4.55 -1.79
C CYS A 8 -5.64 -5.76 -2.70
N ARG A 9 -6.42 -5.86 -3.77
CA ARG A 9 -6.30 -7.00 -4.67
C ARG A 9 -5.60 -6.63 -5.97
N ARG A 10 -5.01 -5.43 -6.01
CA ARG A 10 -4.28 -4.97 -7.19
C ARG A 10 -3.54 -3.68 -6.90
N ASP A 11 -2.73 -3.27 -7.85
CA ASP A 11 -1.94 -2.05 -7.74
C ASP A 11 -2.83 -0.82 -7.58
N SER A 12 -3.74 -0.63 -8.52
CA SER A 12 -4.65 0.51 -8.51
C SER A 12 -5.82 0.30 -7.55
N ASP A 13 -5.65 -0.59 -6.58
CA ASP A 13 -6.69 -0.85 -5.59
C ASP A 13 -6.54 0.14 -4.46
N CYS A 14 -5.31 0.55 -4.25
CA CYS A 14 -4.97 1.51 -3.22
C CYS A 14 -4.61 2.85 -3.86
N PRO A 15 -4.93 3.98 -3.20
CA PRO A 15 -4.62 5.31 -3.72
C PRO A 15 -3.12 5.53 -3.92
N GLY A 16 -2.79 6.51 -4.75
CA GLY A 16 -1.40 6.84 -5.06
C GLY A 16 -0.55 7.18 -3.83
N ALA A 17 -1.18 7.32 -2.68
CA ALA A 17 -0.47 7.63 -1.44
C ALA A 17 0.44 6.48 -1.03
N CYS A 18 0.14 5.28 -1.55
CA CYS A 18 0.90 4.08 -1.26
C CYS A 18 0.78 3.12 -2.43
N ILE A 19 1.46 1.99 -2.35
CA ILE A 19 1.38 0.99 -3.42
C ILE A 19 1.04 -0.37 -2.86
N CYS A 20 0.26 -1.13 -3.60
CA CYS A 20 -0.15 -2.46 -3.15
C CYS A 20 0.99 -3.45 -3.30
N ARG A 21 1.38 -4.07 -2.20
CA ARG A 21 2.47 -5.03 -2.21
C ARG A 21 1.97 -6.40 -2.66
N GLY A 22 2.92 -7.31 -2.88
CA GLY A 22 2.58 -8.67 -3.31
C GLY A 22 1.73 -9.42 -2.31
N ASN A 23 1.82 -9.01 -1.04
CA ASN A 23 1.05 -9.64 0.03
C ASN A 23 -0.42 -9.24 -0.02
N GLY A 24 -0.73 -8.24 -0.84
CA GLY A 24 -2.09 -7.79 -0.98
C GLY A 24 -2.44 -6.69 0.02
N TYR A 25 -1.47 -5.86 0.35
CA TYR A 25 -1.68 -4.76 1.28
C TYR A 25 -0.89 -3.54 0.86
N CYS A 26 -1.47 -2.38 1.13
CA CYS A 26 -0.88 -1.10 0.80
C CYS A 26 0.42 -0.85 1.56
N GLY A 27 1.41 -0.34 0.85
CA GLY A 27 2.68 -0.01 1.46
C GLY A 27 3.04 1.43 1.19
N SER A 28 3.31 2.18 2.26
CA SER A 28 3.64 3.60 2.16
C SER A 28 5.06 3.82 1.64
N GLY A 29 5.27 3.52 0.36
CA GLY A 29 6.58 3.69 -0.25
C GLY A 29 7.64 2.85 0.42
N SER A 30 7.19 1.76 1.03
CA SER A 30 8.08 0.85 1.74
C SER A 30 8.39 -0.35 0.85
N ASP A 31 9.01 -0.07 -0.28
CA ASP A 31 9.35 -1.11 -1.26
C ASP A 31 10.56 -1.92 -0.79
N GLY A 32 10.40 -2.55 0.36
CA GLY A 32 11.46 -3.37 0.92
C GLY A 32 11.05 -3.98 2.24
N GLY A 33 10.47 -3.17 3.10
CA GLY A 33 10.03 -3.64 4.40
C GLY A 33 9.30 -2.56 5.16
N VAL A 34 8.32 -2.96 5.96
CA VAL A 34 7.55 -2.00 6.74
C VAL A 34 6.81 -2.69 7.87
N CYS A 1 8.88 -1.12 6.76
CA CYS A 1 7.85 -2.12 7.06
C CYS A 1 6.45 -1.50 7.11
N PRO A 2 5.91 -1.09 5.95
CA PRO A 2 4.57 -0.49 5.85
C PRO A 2 3.52 -1.32 6.58
N LYS A 3 2.64 -0.66 7.31
CA LYS A 3 1.62 -1.35 8.08
C LYS A 3 0.25 -0.73 7.86
N ILE A 4 -0.17 -0.65 6.61
CA ILE A 4 -1.47 -0.09 6.28
C ILE A 4 -2.53 -1.19 6.30
N LEU A 5 -3.54 -1.01 7.13
CA LEU A 5 -4.62 -1.99 7.26
C LEU A 5 -5.59 -1.91 6.08
N LYS A 6 -5.10 -2.24 4.89
CA LYS A 6 -5.92 -2.22 3.69
C LYS A 6 -5.47 -3.30 2.72
N LYS A 7 -6.40 -4.15 2.34
CA LYS A 7 -6.11 -5.24 1.40
C LYS A 7 -6.23 -4.71 -0.03
N CYS A 8 -5.47 -5.27 -0.95
CA CYS A 8 -5.50 -4.84 -2.33
C CYS A 8 -5.21 -5.99 -3.29
N ARG A 9 -5.89 -5.99 -4.42
CA ARG A 9 -5.69 -7.02 -5.44
C ARG A 9 -4.89 -6.40 -6.58
N ARG A 10 -4.47 -5.16 -6.36
CA ARG A 10 -3.69 -4.37 -7.30
C ARG A 10 -3.56 -2.96 -6.75
N ASP A 11 -2.73 -2.16 -7.41
CA ASP A 11 -2.50 -0.78 -6.99
C ASP A 11 -3.78 0.03 -6.97
N SER A 12 -4.71 -0.33 -7.85
CA SER A 12 -5.99 0.36 -7.97
C SER A 12 -6.77 0.37 -6.65
N ASP A 13 -6.52 -0.63 -5.79
CA ASP A 13 -7.21 -0.73 -4.51
C ASP A 13 -6.62 0.21 -3.46
N CYS A 14 -5.68 1.04 -3.86
CA CYS A 14 -5.05 1.94 -2.90
C CYS A 14 -4.60 3.24 -3.58
N PRO A 15 -4.65 4.37 -2.85
CA PRO A 15 -4.25 5.68 -3.38
C PRO A 15 -2.85 5.69 -3.96
N GLY A 16 -2.64 6.56 -4.94
CA GLY A 16 -1.36 6.70 -5.62
C GLY A 16 -0.18 6.93 -4.67
N ALA A 17 -0.45 7.45 -3.49
CA ALA A 17 0.59 7.70 -2.50
C ALA A 17 1.24 6.40 -2.05
N CYS A 18 0.53 5.30 -2.23
CA CYS A 18 1.02 3.98 -1.86
C CYS A 18 0.90 3.02 -3.03
N ILE A 19 1.31 1.79 -2.81
CA ILE A 19 1.25 0.74 -3.82
C ILE A 19 0.88 -0.58 -3.17
N CYS A 20 0.38 -1.51 -3.97
CA CYS A 20 -0.01 -2.81 -3.46
C CYS A 20 1.22 -3.70 -3.28
N ARG A 21 1.45 -4.15 -2.06
CA ARG A 21 2.60 -4.99 -1.78
C ARG A 21 2.30 -6.44 -2.15
N GLY A 22 3.35 -7.27 -2.20
CA GLY A 22 3.20 -8.68 -2.56
C GLY A 22 2.27 -9.43 -1.61
N ASN A 23 2.14 -8.94 -0.38
CA ASN A 23 1.28 -9.58 0.61
C ASN A 23 -0.19 -9.27 0.38
N GLY A 24 -0.47 -8.42 -0.60
CA GLY A 24 -1.84 -8.06 -0.92
C GLY A 24 -2.39 -6.98 -0.01
N TYR A 25 -1.50 -6.10 0.46
CA TYR A 25 -1.89 -4.99 1.31
C TYR A 25 -1.20 -3.72 0.86
N CYS A 26 -1.74 -2.60 1.30
CA CYS A 26 -1.20 -1.28 0.95
C CYS A 26 0.17 -1.04 1.59
N GLY A 27 1.08 -0.51 0.80
CA GLY A 27 2.40 -0.20 1.30
C GLY A 27 2.87 1.11 0.72
N SER A 28 3.48 1.94 1.56
CA SER A 28 3.97 3.25 1.15
C SER A 28 4.71 3.21 -0.18
N GLY A 29 4.31 4.10 -1.08
CA GLY A 29 4.95 4.18 -2.38
C GLY A 29 5.83 5.41 -2.45
N SER A 30 5.22 6.56 -2.20
CA SER A 30 5.94 7.82 -2.18
C SER A 30 6.38 8.13 -0.75
N ASP A 31 6.91 7.10 -0.11
CA ASP A 31 7.37 7.17 1.26
C ASP A 31 8.12 5.88 1.56
N GLY A 32 9.37 6.03 1.95
CA GLY A 32 10.20 4.88 2.25
C GLY A 32 10.01 4.37 3.67
N GLY A 33 8.76 4.26 4.10
CA GLY A 33 8.46 3.79 5.43
C GLY A 33 8.94 2.36 5.66
N VAL A 34 9.69 2.16 6.73
CA VAL A 34 10.22 0.85 7.06
C VAL A 34 9.11 -0.07 7.53
N CYS A 1 -0.06 5.99 7.37
CA CYS A 1 -1.26 5.23 7.10
C CYS A 1 -1.91 4.80 8.41
N PRO A 2 -3.25 4.86 8.48
CA PRO A 2 -4.00 4.48 9.69
C PRO A 2 -3.87 2.99 9.99
N LYS A 3 -4.11 2.63 11.25
CA LYS A 3 -4.04 1.24 11.70
C LYS A 3 -5.27 0.45 11.23
N ILE A 4 -5.58 0.56 9.95
CA ILE A 4 -6.71 -0.12 9.36
C ILE A 4 -6.21 -1.19 8.39
N LEU A 5 -6.94 -2.29 8.31
CA LEU A 5 -6.59 -3.39 7.42
C LEU A 5 -6.70 -2.94 5.96
N LYS A 6 -5.62 -2.37 5.45
CA LYS A 6 -5.58 -1.86 4.09
C LYS A 6 -5.15 -2.92 3.09
N LYS A 7 -6.05 -3.85 2.81
CA LYS A 7 -5.78 -4.93 1.85
C LYS A 7 -6.26 -4.52 0.46
N CYS A 8 -5.51 -4.94 -0.55
CA CYS A 8 -5.83 -4.62 -1.94
C CYS A 8 -5.69 -5.84 -2.82
N ARG A 9 -6.55 -5.96 -3.82
CA ARG A 9 -6.50 -7.10 -4.72
C ARG A 9 -5.88 -6.69 -6.07
N ARG A 10 -5.27 -5.52 -6.07
CA ARG A 10 -4.59 -4.98 -7.25
C ARG A 10 -3.81 -3.76 -6.83
N ASP A 11 -2.91 -3.32 -7.69
CA ASP A 11 -2.09 -2.16 -7.40
C ASP A 11 -2.94 -0.89 -7.32
N SER A 12 -3.75 -0.67 -8.37
CA SER A 12 -4.63 0.50 -8.42
C SER A 12 -5.85 0.35 -7.49
N ASP A 13 -5.66 -0.40 -6.41
CA ASP A 13 -6.73 -0.61 -5.44
C ASP A 13 -6.57 0.38 -4.31
N CYS A 14 -5.33 0.79 -4.10
CA CYS A 14 -4.99 1.72 -3.05
C CYS A 14 -4.63 3.06 -3.69
N PRO A 15 -4.83 4.19 -2.96
CA PRO A 15 -4.52 5.53 -3.49
C PRO A 15 -3.03 5.68 -3.83
N GLY A 16 -2.75 6.62 -4.72
CA GLY A 16 -1.38 6.87 -5.18
C GLY A 16 -0.36 7.09 -4.07
N ALA A 17 -0.83 7.43 -2.87
CA ALA A 17 0.05 7.67 -1.73
C ALA A 17 0.91 6.44 -1.44
N CYS A 18 0.36 5.26 -1.66
CA CYS A 18 1.07 4.02 -1.44
C CYS A 18 0.88 3.09 -2.62
N ILE A 19 1.50 1.93 -2.56
CA ILE A 19 1.38 0.94 -3.63
C ILE A 19 1.00 -0.42 -3.06
N CYS A 20 0.27 -1.21 -3.83
CA CYS A 20 -0.14 -2.53 -3.37
C CYS A 20 1.04 -3.48 -3.48
N ARG A 21 1.53 -3.94 -2.34
CA ARG A 21 2.67 -4.83 -2.33
C ARG A 21 2.26 -6.27 -2.60
N GLY A 22 3.27 -7.14 -2.74
CA GLY A 22 3.04 -8.55 -3.04
C GLY A 22 2.18 -9.27 -2.02
N ASN A 23 2.15 -8.79 -0.79
CA ASN A 23 1.36 -9.42 0.25
C ASN A 23 -0.12 -9.05 0.15
N GLY A 24 -0.48 -8.32 -0.90
CA GLY A 24 -1.87 -7.94 -1.13
C GLY A 24 -2.34 -6.85 -0.19
N TYR A 25 -1.43 -5.98 0.21
CA TYR A 25 -1.78 -4.87 1.10
C TYR A 25 -1.06 -3.61 0.67
N CYS A 26 -1.61 -2.49 1.09
CA CYS A 26 -1.04 -1.20 0.79
C CYS A 26 0.28 -1.01 1.50
N GLY A 27 1.27 -0.54 0.77
CA GLY A 27 2.57 -0.30 1.34
C GLY A 27 3.06 1.08 0.99
N SER A 28 3.54 1.80 2.00
CA SER A 28 4.05 3.15 1.84
C SER A 28 5.15 3.22 0.79
N GLY A 29 5.20 4.34 0.08
CA GLY A 29 6.19 4.55 -0.95
C GLY A 29 6.17 5.98 -1.45
N SER A 30 5.00 6.44 -1.84
CA SER A 30 4.83 7.81 -2.32
C SER A 30 4.31 8.68 -1.18
N ASP A 31 4.74 8.34 0.03
CA ASP A 31 4.31 9.04 1.23
C ASP A 31 5.43 9.04 2.26
N GLY A 32 6.09 7.89 2.39
CA GLY A 32 7.17 7.75 3.34
C GLY A 32 6.86 6.73 4.41
N GLY A 33 5.66 6.82 4.99
CA GLY A 33 5.27 5.90 6.02
C GLY A 33 4.10 6.39 6.83
N VAL A 34 3.06 6.85 6.16
CA VAL A 34 1.88 7.36 6.85
C VAL A 34 0.63 6.59 6.41
N CYS A 1 3.84 -2.68 5.16
CA CYS A 1 2.40 -2.59 5.30
C CYS A 1 2.00 -2.12 6.69
N PRO A 2 1.17 -1.07 6.77
CA PRO A 2 0.72 -0.49 8.03
C PRO A 2 -0.18 -1.46 8.80
N LYS A 3 -0.29 -1.26 10.11
CA LYS A 3 -1.11 -2.12 10.96
C LYS A 3 -2.61 -1.82 10.77
N ILE A 4 -3.04 -1.83 9.52
CA ILE A 4 -4.43 -1.58 9.18
C ILE A 4 -4.80 -2.44 7.97
N LEU A 5 -6.04 -2.89 7.91
CA LEU A 5 -6.52 -3.76 6.84
C LEU A 5 -6.59 -3.05 5.48
N LYS A 6 -5.44 -2.65 4.96
CA LYS A 6 -5.36 -1.98 3.67
C LYS A 6 -5.16 -3.02 2.56
N LYS A 7 -6.07 -3.98 2.51
CA LYS A 7 -6.02 -5.05 1.53
C LYS A 7 -6.19 -4.53 0.10
N CYS A 8 -5.36 -5.04 -0.80
CA CYS A 8 -5.40 -4.65 -2.19
C CYS A 8 -5.09 -5.85 -3.08
N ARG A 9 -5.71 -5.90 -4.24
CA ARG A 9 -5.50 -6.97 -5.19
C ARG A 9 -4.63 -6.44 -6.31
N ARG A 10 -4.59 -5.13 -6.34
CA ARG A 10 -3.84 -4.37 -7.31
C ARG A 10 -3.58 -3.01 -6.70
N ASP A 11 -2.70 -2.26 -7.31
CA ASP A 11 -2.38 -0.92 -6.80
C ASP A 11 -3.59 -0.01 -6.92
N SER A 12 -4.49 -0.36 -7.84
CA SER A 12 -5.70 0.41 -8.08
C SER A 12 -6.63 0.42 -6.86
N ASP A 13 -6.57 -0.60 -6.01
CA ASP A 13 -7.43 -0.66 -4.83
C ASP A 13 -6.86 0.18 -3.70
N CYS A 14 -5.92 1.05 -4.04
CA CYS A 14 -5.29 1.91 -3.05
C CYS A 14 -4.86 3.23 -3.72
N PRO A 15 -4.88 4.35 -2.99
CA PRO A 15 -4.49 5.65 -3.55
C PRO A 15 -3.03 5.68 -3.99
N GLY A 16 -2.73 6.58 -4.92
CA GLY A 16 -1.38 6.73 -5.46
C GLY A 16 -0.31 7.04 -4.41
N ALA A 17 -0.75 7.32 -3.19
CA ALA A 17 0.17 7.62 -2.10
C ALA A 17 0.97 6.38 -1.72
N CYS A 18 0.47 5.22 -2.12
CA CYS A 18 1.13 3.95 -1.83
C CYS A 18 0.95 3.00 -3.00
N ILE A 19 1.51 1.81 -2.86
CA ILE A 19 1.41 0.77 -3.89
C ILE A 19 0.98 -0.54 -3.25
N CYS A 20 0.60 -1.51 -4.06
CA CYS A 20 0.16 -2.80 -3.53
C CYS A 20 1.34 -3.75 -3.33
N ARG A 21 1.52 -4.24 -2.12
CA ARG A 21 2.61 -5.16 -1.81
C ARG A 21 2.26 -6.58 -2.21
N GLY A 22 3.25 -7.46 -2.16
CA GLY A 22 3.05 -8.86 -2.52
C GLY A 22 2.06 -9.58 -1.63
N ASN A 23 1.96 -9.16 -0.37
CA ASN A 23 1.03 -9.79 0.58
C ASN A 23 -0.41 -9.38 0.33
N GLY A 24 -0.61 -8.47 -0.62
CA GLY A 24 -1.94 -8.01 -0.94
C GLY A 24 -2.43 -6.90 -0.03
N TYR A 25 -1.51 -6.01 0.35
CA TYR A 25 -1.85 -4.87 1.20
C TYR A 25 -1.05 -3.66 0.76
N CYS A 26 -1.60 -2.49 1.03
CA CYS A 26 -0.98 -1.23 0.66
C CYS A 26 0.36 -1.02 1.38
N GLY A 27 1.31 -0.44 0.66
CA GLY A 27 2.62 -0.16 1.22
C GLY A 27 3.23 1.06 0.57
N SER A 28 3.88 1.89 1.36
CA SER A 28 4.50 3.11 0.84
C SER A 28 5.55 2.79 -0.23
N GLY A 29 5.55 3.58 -1.30
CA GLY A 29 6.51 3.38 -2.37
C GLY A 29 7.88 3.91 -2.01
N SER A 30 8.18 5.12 -2.45
CA SER A 30 9.46 5.76 -2.18
C SER A 30 9.49 6.32 -0.76
N ASP A 31 9.12 5.47 0.20
CA ASP A 31 9.09 5.87 1.60
C ASP A 31 9.41 4.67 2.50
N GLY A 32 8.70 3.58 2.28
CA GLY A 32 8.92 2.38 3.05
C GLY A 32 7.93 1.31 2.68
N GLY A 33 8.40 0.29 1.99
CA GLY A 33 7.54 -0.80 1.55
C GLY A 33 7.09 -1.71 2.68
N VAL A 34 6.58 -1.10 3.75
CA VAL A 34 6.08 -1.84 4.90
C VAL A 34 4.58 -1.60 5.04
N CYS A 1 6.18 8.59 2.28
CA CYS A 1 4.76 8.28 2.10
C CYS A 1 4.19 7.67 3.38
N PRO A 2 2.91 7.93 3.68
CA PRO A 2 2.26 7.39 4.88
C PRO A 2 2.19 5.86 4.84
N LYS A 3 2.62 5.22 5.92
CA LYS A 3 2.63 3.78 6.01
C LYS A 3 1.28 3.24 6.49
N ILE A 4 0.26 3.48 5.71
CA ILE A 4 -1.08 3.02 6.05
C ILE A 4 -1.30 1.60 5.54
N LEU A 5 -1.93 0.76 6.36
CA LEU A 5 -2.18 -0.62 5.99
C LEU A 5 -3.64 -0.85 5.57
N LYS A 6 -3.81 -1.37 4.36
CA LYS A 6 -5.12 -1.68 3.80
C LYS A 6 -4.97 -2.85 2.85
N LYS A 7 -5.95 -3.75 2.80
CA LYS A 7 -5.86 -4.89 1.89
C LYS A 7 -6.30 -4.48 0.49
N CYS A 8 -5.56 -4.94 -0.51
CA CYS A 8 -5.85 -4.61 -1.89
C CYS A 8 -5.85 -5.86 -2.78
N ARG A 9 -6.74 -5.89 -3.75
CA ARG A 9 -6.83 -7.02 -4.67
C ARG A 9 -6.24 -6.66 -6.03
N ARG A 10 -5.50 -5.55 -6.05
CA ARG A 10 -4.85 -5.07 -7.27
C ARG A 10 -3.90 -3.94 -6.93
N ASP A 11 -3.08 -3.55 -7.89
CA ASP A 11 -2.11 -2.49 -7.70
C ASP A 11 -2.77 -1.12 -7.51
N SER A 12 -3.61 -0.73 -8.46
CA SER A 12 -4.29 0.55 -8.41
C SER A 12 -5.50 0.52 -7.47
N ASP A 13 -5.47 -0.43 -6.53
CA ASP A 13 -6.55 -0.55 -5.55
C ASP A 13 -6.35 0.49 -4.47
N CYS A 14 -5.08 0.71 -4.15
CA CYS A 14 -4.71 1.66 -3.13
C CYS A 14 -4.42 3.02 -3.76
N PRO A 15 -4.76 4.12 -3.06
CA PRO A 15 -4.53 5.48 -3.57
C PRO A 15 -3.06 5.77 -3.80
N GLY A 16 -2.79 6.80 -4.60
CA GLY A 16 -1.42 7.19 -4.93
C GLY A 16 -0.48 7.35 -3.75
N ALA A 17 -1.04 7.51 -2.56
CA ALA A 17 -0.24 7.66 -1.35
C ALA A 17 0.56 6.39 -1.05
N CYS A 18 0.14 5.27 -1.62
CA CYS A 18 0.80 3.99 -1.42
C CYS A 18 0.60 3.10 -2.63
N ILE A 19 1.15 1.90 -2.57
CA ILE A 19 1.02 0.94 -3.66
C ILE A 19 0.81 -0.45 -3.09
N CYS A 20 0.06 -1.28 -3.80
CA CYS A 20 -0.21 -2.63 -3.34
C CYS A 20 1.06 -3.47 -3.39
N ARG A 21 1.47 -3.98 -2.25
CA ARG A 21 2.68 -4.81 -2.17
C ARG A 21 2.37 -6.24 -2.61
N GLY A 22 3.36 -7.11 -2.49
CA GLY A 22 3.18 -8.51 -2.87
C GLY A 22 2.25 -9.27 -1.94
N ASN A 23 2.14 -8.81 -0.70
CA ASN A 23 1.29 -9.48 0.29
C ASN A 23 -0.17 -9.05 0.18
N GLY A 24 -0.55 -8.46 -0.95
CA GLY A 24 -1.92 -8.04 -1.16
C GLY A 24 -2.39 -6.94 -0.21
N TYR A 25 -1.45 -6.11 0.24
CA TYR A 25 -1.78 -5.01 1.12
C TYR A 25 -1.05 -3.76 0.71
N CYS A 26 -1.60 -2.63 1.12
CA CYS A 26 -1.04 -1.33 0.82
C CYS A 26 0.31 -1.15 1.48
N GLY A 27 1.24 -0.63 0.71
CA GLY A 27 2.56 -0.37 1.20
C GLY A 27 2.96 1.02 0.83
N SER A 28 3.50 1.76 1.79
CA SER A 28 3.93 3.12 1.57
C SER A 28 5.03 3.16 0.52
N GLY A 29 5.06 4.22 -0.28
CA GLY A 29 6.08 4.36 -1.31
C GLY A 29 7.43 4.70 -0.72
N SER A 30 7.80 3.99 0.34
CA SER A 30 9.07 4.19 1.01
C SER A 30 10.19 3.47 0.28
N ASP A 31 9.92 3.11 -0.96
CA ASP A 31 10.89 2.44 -1.81
C ASP A 31 11.94 3.44 -2.23
N GLY A 32 11.54 4.70 -2.28
CA GLY A 32 12.43 5.77 -2.65
C GLY A 32 11.78 7.14 -2.44
N GLY A 33 11.07 7.28 -1.32
CA GLY A 33 10.41 8.53 -1.03
C GLY A 33 9.63 8.48 0.26
N VAL A 34 9.06 9.62 0.66
CA VAL A 34 8.28 9.70 1.88
C VAL A 34 6.80 9.52 1.58
N CYS A 1 -1.94 6.56 7.09
CA CYS A 1 -2.83 6.75 8.23
C CYS A 1 -3.37 5.40 8.73
N PRO A 2 -3.07 5.07 10.00
CA PRO A 2 -3.50 3.82 10.62
C PRO A 2 -4.94 3.86 11.12
N LYS A 3 -5.61 2.72 11.06
CA LYS A 3 -6.99 2.60 11.52
C LYS A 3 -7.44 1.16 11.35
N ILE A 4 -7.29 0.65 10.14
CA ILE A 4 -7.65 -0.73 9.81
C ILE A 4 -6.71 -1.25 8.74
N LEU A 5 -6.64 -2.56 8.60
CA LEU A 5 -5.77 -3.15 7.58
C LEU A 5 -6.31 -2.90 6.19
N LYS A 6 -5.45 -2.42 5.33
CA LYS A 6 -5.81 -2.14 3.96
C LYS A 6 -5.28 -3.21 3.02
N LYS A 7 -6.21 -3.95 2.42
CA LYS A 7 -5.85 -5.03 1.51
C LYS A 7 -6.18 -4.64 0.06
N CYS A 8 -5.46 -5.22 -0.87
CA CYS A 8 -5.64 -4.92 -2.28
C CYS A 8 -5.39 -6.16 -3.15
N ARG A 9 -6.15 -6.28 -4.23
CA ARG A 9 -5.99 -7.39 -5.16
C ARG A 9 -5.31 -6.85 -6.42
N ARG A 10 -4.97 -5.58 -6.33
CA ARG A 10 -4.29 -4.85 -7.39
C ARG A 10 -3.81 -3.53 -6.84
N ASP A 11 -2.84 -2.94 -7.51
CA ASP A 11 -2.24 -1.68 -7.07
C ASP A 11 -3.28 -0.57 -6.98
N SER A 12 -4.19 -0.53 -7.95
CA SER A 12 -5.24 0.49 -8.02
C SER A 12 -6.17 0.54 -6.80
N ASP A 13 -6.20 -0.53 -6.00
CA ASP A 13 -7.06 -0.55 -4.83
C ASP A 13 -6.60 0.45 -3.78
N CYS A 14 -5.34 0.83 -3.84
CA CYS A 14 -4.79 1.76 -2.88
C CYS A 14 -4.42 3.08 -3.57
N PRO A 15 -4.62 4.20 -2.87
CA PRO A 15 -4.33 5.54 -3.41
C PRO A 15 -2.92 5.66 -3.95
N GLY A 16 -2.77 6.50 -4.96
CA GLY A 16 -1.48 6.73 -5.61
C GLY A 16 -0.34 7.07 -4.67
N ALA A 17 -0.67 7.56 -3.48
CA ALA A 17 0.34 7.91 -2.49
C ALA A 17 1.14 6.68 -2.07
N CYS A 18 0.45 5.57 -1.92
CA CYS A 18 1.07 4.31 -1.52
C CYS A 18 1.01 3.32 -2.69
N ILE A 19 1.55 2.12 -2.47
CA ILE A 19 1.53 1.09 -3.50
C ILE A 19 1.13 -0.25 -2.91
N CYS A 20 0.45 -1.06 -3.70
CA CYS A 20 0.01 -2.38 -3.27
C CYS A 20 1.19 -3.35 -3.24
N ARG A 21 1.43 -3.96 -2.10
CA ARG A 21 2.53 -4.90 -1.94
C ARG A 21 2.15 -6.28 -2.46
N GLY A 22 3.13 -7.18 -2.49
CA GLY A 22 2.92 -8.54 -2.96
C GLY A 22 2.02 -9.33 -2.06
N ASN A 23 1.96 -8.96 -0.78
CA ASN A 23 1.12 -9.66 0.19
C ASN A 23 -0.34 -9.21 0.11
N GLY A 24 -0.65 -8.41 -0.90
CA GLY A 24 -2.01 -7.94 -1.08
C GLY A 24 -2.45 -6.90 -0.06
N TYR A 25 -1.52 -6.04 0.34
CA TYR A 25 -1.81 -4.97 1.29
C TYR A 25 -1.12 -3.69 0.88
N CYS A 26 -1.64 -2.58 1.36
CA CYS A 26 -1.08 -1.27 1.05
C CYS A 26 0.30 -1.10 1.67
N GLY A 27 1.19 -0.52 0.89
CA GLY A 27 2.55 -0.29 1.35
C GLY A 27 2.96 1.15 1.17
N SER A 28 3.62 1.69 2.18
CA SER A 28 4.09 3.07 2.18
C SER A 28 5.01 3.34 1.00
N GLY A 29 4.85 4.52 0.39
CA GLY A 29 5.67 4.88 -0.73
C GLY A 29 5.84 6.39 -0.82
N SER A 30 5.23 6.99 -1.82
CA SER A 30 5.29 8.44 -1.99
C SER A 30 4.35 9.16 -1.03
N ASP A 31 4.40 8.77 0.24
CA ASP A 31 3.55 9.35 1.26
C ASP A 31 4.31 9.44 2.58
N GLY A 32 4.89 8.31 2.99
CA GLY A 32 5.63 8.25 4.23
C GLY A 32 4.77 8.57 5.44
N GLY A 33 3.50 8.21 5.39
CA GLY A 33 2.62 8.48 6.50
C GLY A 33 1.26 7.84 6.35
N VAL A 34 1.25 6.53 6.08
CA VAL A 34 0.02 5.78 5.92
C VAL A 34 -0.82 5.86 7.19
N CYS A 1 5.35 1.31 6.64
CA CYS A 1 4.20 0.43 6.72
C CYS A 1 3.03 1.16 7.37
N PRO A 2 1.83 1.05 6.80
CA PRO A 2 0.63 1.71 7.34
C PRO A 2 0.24 1.17 8.71
N LYS A 3 -0.40 2.02 9.52
CA LYS A 3 -0.83 1.62 10.86
C LYS A 3 -1.76 0.42 10.79
N ILE A 4 -2.52 0.34 9.71
CA ILE A 4 -3.43 -0.76 9.50
C ILE A 4 -3.33 -1.22 8.05
N LEU A 5 -2.94 -2.48 7.86
CA LEU A 5 -2.79 -3.04 6.53
C LEU A 5 -4.14 -3.45 5.96
N LYS A 6 -4.51 -2.83 4.85
CA LYS A 6 -5.76 -3.14 4.19
C LYS A 6 -5.51 -4.01 2.96
N LYS A 7 -6.25 -5.10 2.86
CA LYS A 7 -6.10 -6.03 1.75
C LYS A 7 -6.64 -5.42 0.46
N CYS A 8 -5.83 -5.51 -0.58
CA CYS A 8 -6.19 -4.98 -1.89
C CYS A 8 -6.36 -6.12 -2.87
N ARG A 9 -7.06 -5.88 -3.96
CA ARG A 9 -7.23 -6.90 -4.97
C ARG A 9 -6.58 -6.45 -6.27
N ARG A 10 -5.70 -5.44 -6.14
CA ARG A 10 -4.97 -4.86 -7.26
C ARG A 10 -4.02 -3.78 -6.78
N ASP A 11 -2.96 -3.58 -7.53
CA ASP A 11 -1.95 -2.59 -7.18
C ASP A 11 -2.56 -1.19 -7.06
N SER A 12 -3.31 -0.79 -8.07
CA SER A 12 -3.93 0.53 -8.08
C SER A 12 -5.18 0.57 -7.21
N ASP A 13 -5.25 -0.31 -6.22
CA ASP A 13 -6.38 -0.35 -5.30
C ASP A 13 -6.17 0.70 -4.24
N CYS A 14 -4.90 0.91 -3.92
CA CYS A 14 -4.50 1.89 -2.93
C CYS A 14 -4.29 3.23 -3.63
N PRO A 15 -4.54 4.37 -2.92
CA PRO A 15 -4.36 5.71 -3.51
C PRO A 15 -2.93 5.95 -3.98
N GLY A 16 -2.80 6.86 -4.94
CA GLY A 16 -1.50 7.21 -5.53
C GLY A 16 -0.37 7.44 -4.54
N ALA A 17 -0.73 7.85 -3.32
CA ALA A 17 0.26 8.12 -2.28
C ALA A 17 1.01 6.85 -1.89
N CYS A 18 0.43 5.69 -2.19
CA CYS A 18 1.04 4.41 -1.87
C CYS A 18 0.75 3.39 -2.97
N ILE A 19 1.23 2.18 -2.77
CA ILE A 19 1.00 1.10 -3.75
C ILE A 19 0.77 -0.20 -3.00
N CYS A 20 0.10 -1.14 -3.65
CA CYS A 20 -0.17 -2.42 -3.02
C CYS A 20 1.06 -3.31 -3.12
N ARG A 21 1.49 -3.86 -1.98
CA ARG A 21 2.65 -4.73 -1.93
C ARG A 21 2.30 -6.14 -2.42
N GLY A 22 3.31 -6.99 -2.51
CA GLY A 22 3.13 -8.35 -2.97
C GLY A 22 2.21 -9.17 -2.08
N ASN A 23 2.15 -8.82 -0.79
CA ASN A 23 1.30 -9.52 0.16
C ASN A 23 -0.17 -9.14 0.01
N GLY A 24 -0.44 -8.19 -0.87
CA GLY A 24 -1.81 -7.77 -1.10
C GLY A 24 -2.29 -6.74 -0.09
N TYR A 25 -1.38 -5.89 0.38
CA TYR A 25 -1.73 -4.83 1.32
C TYR A 25 -1.03 -3.54 0.93
N CYS A 26 -1.61 -2.44 1.33
CA CYS A 26 -1.08 -1.12 1.02
C CYS A 26 0.32 -0.91 1.60
N GLY A 27 1.16 -0.22 0.83
CA GLY A 27 2.49 0.07 1.26
C GLY A 27 2.94 1.43 0.76
N SER A 28 3.42 2.27 1.67
CA SER A 28 3.87 3.61 1.34
C SER A 28 5.23 3.59 0.65
N GLY A 29 5.31 2.88 -0.48
CA GLY A 29 6.57 2.79 -1.21
C GLY A 29 7.05 4.16 -1.66
N SER A 30 6.11 4.97 -2.13
CA SER A 30 6.42 6.33 -2.57
C SER A 30 6.50 7.28 -1.38
N ASP A 31 6.98 6.76 -0.25
CA ASP A 31 7.11 7.53 0.99
C ASP A 31 8.06 6.81 1.93
N GLY A 32 9.27 6.56 1.46
CA GLY A 32 10.28 5.87 2.26
C GLY A 32 10.05 4.37 2.33
N GLY A 33 8.79 3.96 2.32
CA GLY A 33 8.47 2.54 2.41
C GLY A 33 7.89 2.19 3.75
N VAL A 34 7.35 3.19 4.42
CA VAL A 34 6.75 3.03 5.73
C VAL A 34 5.50 2.16 5.65
#